data_7OUO
# 
_entry.id   7OUO 
# 
_audit_conform.dict_name       mmcif_pdbx.dic 
_audit_conform.dict_version    5.391 
_audit_conform.dict_location   http://mmcif.pdb.org/dictionaries/ascii/mmcif_pdbx.dic 
# 
loop_
_database_2.database_id 
_database_2.database_code 
_database_2.pdbx_database_accession 
_database_2.pdbx_DOI 
PDB   7OUO         pdb_00007ouo 10.2210/pdb7ouo/pdb 
WWPDB D_1292116468 ?            ?                   
# 
loop_
_pdbx_audit_revision_history.ordinal 
_pdbx_audit_revision_history.data_content_type 
_pdbx_audit_revision_history.major_revision 
_pdbx_audit_revision_history.minor_revision 
_pdbx_audit_revision_history.revision_date 
1 'Structure model' 1 0 2022-03-30 
2 'Structure model' 1 1 2024-05-01 
# 
_pdbx_audit_revision_details.ordinal             1 
_pdbx_audit_revision_details.revision_ordinal    1 
_pdbx_audit_revision_details.data_content_type   'Structure model' 
_pdbx_audit_revision_details.provider            repository 
_pdbx_audit_revision_details.type                'Initial release' 
_pdbx_audit_revision_details.description         ? 
_pdbx_audit_revision_details.details             ? 
# 
loop_
_pdbx_audit_revision_group.ordinal 
_pdbx_audit_revision_group.revision_ordinal 
_pdbx_audit_revision_group.data_content_type 
_pdbx_audit_revision_group.group 
1 2 'Structure model' 'Data collection'        
2 2 'Structure model' 'Refinement description' 
# 
loop_
_pdbx_audit_revision_category.ordinal 
_pdbx_audit_revision_category.revision_ordinal 
_pdbx_audit_revision_category.data_content_type 
_pdbx_audit_revision_category.category 
1 2 'Structure model' chem_comp_atom                
2 2 'Structure model' chem_comp_bond                
3 2 'Structure model' pdbx_initial_refinement_model 
# 
_pdbx_database_status.status_code                     REL 
_pdbx_database_status.status_code_sf                  REL 
_pdbx_database_status.status_code_mr                  ? 
_pdbx_database_status.entry_id                        7OUO 
_pdbx_database_status.recvd_initial_deposition_date   2021-06-12 
_pdbx_database_status.SG_entry                        N 
_pdbx_database_status.deposit_site                    PDBE 
_pdbx_database_status.process_site                    PDBE 
_pdbx_database_status.status_code_cs                  ? 
_pdbx_database_status.status_code_nmr_data            ? 
_pdbx_database_status.methods_development_category    ? 
_pdbx_database_status.pdb_format_compatible           N 
# 
loop_
_audit_author.name 
_audit_author.pdbx_ordinal 
_audit_author.identifier_ORCID 
'Ruszkowski, M.' 1 ? 
'Mao, S.'        2 ? 
'Zheng, Y.Y.'    3 ? 
'Ruszkowska, A.' 4 ? 
'Sheng, J.'      5 ? 
# 
_citation.abstract                  ? 
_citation.abstract_id_CAS           ? 
_citation.book_id_ISBN              ? 
_citation.book_publisher            ? 
_citation.book_publisher_city       ? 
_citation.book_title                ? 
_citation.coordinate_linkage        ? 
_citation.country                   CH 
_citation.database_id_Medline       ? 
_citation.details                   ? 
_citation.id                        primary 
_citation.journal_abbrev            'Front Mol Biosci' 
_citation.journal_id_ASTM           ? 
_citation.journal_id_CSD            ? 
_citation.journal_id_ISSN           2296-889X 
_citation.journal_full              ? 
_citation.journal_issue             ? 
_citation.journal_volume            8 
_citation.language                  ? 
_citation.page_first                762786 
_citation.page_last                 762786 
_citation.title                     
;Structural Insights Into the 5'UG/3'GU Wobble Tandem in Complex With Ba 2+ Cation.
;
_citation.year                      2021 
_citation.database_id_CSD           ? 
_citation.pdbx_database_id_DOI      10.3389/fmolb.2021.762786 
_citation.pdbx_database_id_PubMed   35096964 
_citation.pdbx_database_id_patent   ? 
_citation.unpublished_flag          ? 
# 
loop_
_citation_author.citation_id 
_citation_author.name 
_citation_author.ordinal 
_citation_author.identifier_ORCID 
primary 'Ruszkowska, A.' 1 ? 
primary 'Zheng, Y.Y.'    2 ? 
primary 'Mao, S.'        3 ? 
primary 'Ruszkowski, M.' 4 ? 
primary 'Sheng, J.'      5 ? 
# 
loop_
_entity.id 
_entity.type 
_entity.src_method 
_entity.pdbx_description 
_entity.formula_weight 
_entity.pdbx_number_of_molecules 
_entity.pdbx_ec 
_entity.pdbx_mutation 
_entity.pdbx_fragment 
_entity.details 
1 polymer     syn 
;RNA (5'-R(*UP*CP*GP*UP*GP*CP*GP*A)-3')
;
2542.561 2 ? ? ? ? 
2 non-polymer syn 'BARIUM ION'                             137.327  1 ? ? ? ? 
3 water       nat water                                    18.015   2 ? ? ? ? 
# 
_entity_poly.entity_id                      1 
_entity_poly.type                           polyribonucleotide 
_entity_poly.nstd_linkage                   no 
_entity_poly.nstd_monomer                   no 
_entity_poly.pdbx_seq_one_letter_code       UCGUGCGA 
_entity_poly.pdbx_seq_one_letter_code_can   UCGUGCGA 
_entity_poly.pdbx_strand_id                 AAA,BBB 
_entity_poly.pdbx_target_identifier         ? 
# 
loop_
_pdbx_entity_nonpoly.entity_id 
_pdbx_entity_nonpoly.name 
_pdbx_entity_nonpoly.comp_id 
2 'BARIUM ION' BA  
3 water        HOH 
# 
loop_
_entity_poly_seq.entity_id 
_entity_poly_seq.num 
_entity_poly_seq.mon_id 
_entity_poly_seq.hetero 
1 1 U n 
1 2 C n 
1 3 G n 
1 4 U n 
1 5 G n 
1 6 C n 
1 7 G n 
1 8 A n 
# 
_pdbx_entity_src_syn.entity_id              1 
_pdbx_entity_src_syn.pdbx_src_id            1 
_pdbx_entity_src_syn.pdbx_alt_source_flag   sample 
_pdbx_entity_src_syn.pdbx_beg_seq_num       1 
_pdbx_entity_src_syn.pdbx_end_seq_num       8 
_pdbx_entity_src_syn.organism_scientific    'synthetic construct' 
_pdbx_entity_src_syn.organism_common_name   ? 
_pdbx_entity_src_syn.ncbi_taxonomy_id       32630 
_pdbx_entity_src_syn.details                ? 
# 
loop_
_chem_comp.id 
_chem_comp.type 
_chem_comp.mon_nstd_flag 
_chem_comp.name 
_chem_comp.pdbx_synonyms 
_chem_comp.formula 
_chem_comp.formula_weight 
A   'RNA linking' y "ADENOSINE-5'-MONOPHOSPHATE" ? 'C10 H14 N5 O7 P' 347.221 
BA  non-polymer   . 'BARIUM ION'                 ? 'Ba 2'            137.327 
C   'RNA linking' y "CYTIDINE-5'-MONOPHOSPHATE"  ? 'C9 H14 N3 O8 P'  323.197 
G   'RNA linking' y "GUANOSINE-5'-MONOPHOSPHATE" ? 'C10 H14 N5 O8 P' 363.221 
HOH non-polymer   . WATER                        ? 'H2 O'            18.015  
U   'RNA linking' y "URIDINE-5'-MONOPHOSPHATE"   ? 'C9 H13 N2 O9 P'  324.181 
# 
loop_
_pdbx_poly_seq_scheme.asym_id 
_pdbx_poly_seq_scheme.entity_id 
_pdbx_poly_seq_scheme.seq_id 
_pdbx_poly_seq_scheme.mon_id 
_pdbx_poly_seq_scheme.ndb_seq_num 
_pdbx_poly_seq_scheme.pdb_seq_num 
_pdbx_poly_seq_scheme.auth_seq_num 
_pdbx_poly_seq_scheme.pdb_mon_id 
_pdbx_poly_seq_scheme.auth_mon_id 
_pdbx_poly_seq_scheme.pdb_strand_id 
_pdbx_poly_seq_scheme.pdb_ins_code 
_pdbx_poly_seq_scheme.hetero 
A 1 1 U 1 1 1 U U AAA . n 
A 1 2 C 2 2 2 C C AAA . n 
A 1 3 G 3 3 3 G G AAA . n 
A 1 4 U 4 4 4 U U AAA . n 
A 1 5 G 5 5 5 G G AAA . n 
A 1 6 C 6 6 6 C C AAA . n 
A 1 7 G 7 7 7 G G AAA . n 
A 1 8 A 8 8 8 A A AAA . n 
B 1 1 U 1 1 1 U U BBB . n 
B 1 2 C 2 2 2 C C BBB . n 
B 1 3 G 3 3 3 G G BBB . n 
B 1 4 U 4 4 4 U U BBB . n 
B 1 5 G 5 5 5 G G BBB . n 
B 1 6 C 6 6 6 C C BBB . n 
B 1 7 G 7 7 7 G G BBB . n 
B 1 8 A 8 8 8 A A BBB . n 
# 
loop_
_pdbx_nonpoly_scheme.asym_id 
_pdbx_nonpoly_scheme.entity_id 
_pdbx_nonpoly_scheme.mon_id 
_pdbx_nonpoly_scheme.ndb_seq_num 
_pdbx_nonpoly_scheme.pdb_seq_num 
_pdbx_nonpoly_scheme.auth_seq_num 
_pdbx_nonpoly_scheme.pdb_mon_id 
_pdbx_nonpoly_scheme.auth_mon_id 
_pdbx_nonpoly_scheme.pdb_strand_id 
_pdbx_nonpoly_scheme.pdb_ins_code 
C 2 BA  1 101 1 BA  BA  AAA . 
D 3 HOH 1 101 2 HOH HOH BBB . 
D 3 HOH 2 102 4 HOH HOH BBB . 
# 
loop_
_software.citation_id 
_software.classification 
_software.compiler_name 
_software.compiler_version 
_software.contact_author 
_software.contact_author_email 
_software.date 
_software.description 
_software.dependencies 
_software.hardware 
_software.language 
_software.location 
_software.mods 
_software.name 
_software.os 
_software.os_version 
_software.type 
_software.version 
_software.pdbx_ordinal 
? refinement       ? ? ? ? ? ? ? ? ? ? ? REFMAC ? ? ? 5.8.0267 1 
? 'data reduction' ? ? ? ? ? ? ? ? ? ? ? XDS    ? ? ? .        2 
? 'data scaling'   ? ? ? ? ? ? ? ? ? ? ? XDS    ? ? ? .        3 
? phasing          ? ? ? ? ? ? ? ? ? ? ? PHASER ? ? ? .        4 
# 
_cell.angle_alpha                  90.000 
_cell.angle_alpha_esd              ? 
_cell.angle_beta                   90.000 
_cell.angle_beta_esd               ? 
_cell.angle_gamma                  120.000 
_cell.angle_gamma_esd              ? 
_cell.entry_id                     7OUO 
_cell.details                      ? 
_cell.formula_units_Z              ? 
_cell.length_a                     44.003 
_cell.length_a_esd                 ? 
_cell.length_b                     44.003 
_cell.length_b_esd                 ? 
_cell.length_c                     122.312 
_cell.length_c_esd                 ? 
_cell.volume                       ? 
_cell.volume_esd                   ? 
_cell.Z_PDB                        36 
_cell.reciprocal_angle_alpha       ? 
_cell.reciprocal_angle_beta        ? 
_cell.reciprocal_angle_gamma       ? 
_cell.reciprocal_angle_alpha_esd   ? 
_cell.reciprocal_angle_beta_esd    ? 
_cell.reciprocal_angle_gamma_esd   ? 
_cell.reciprocal_length_a          ? 
_cell.reciprocal_length_b          ? 
_cell.reciprocal_length_c          ? 
_cell.reciprocal_length_a_esd      ? 
_cell.reciprocal_length_b_esd      ? 
_cell.reciprocal_length_c_esd      ? 
_cell.pdbx_unique_axis             ? 
# 
_symmetry.entry_id                         7OUO 
_symmetry.cell_setting                     ? 
_symmetry.Int_Tables_number                155 
_symmetry.space_group_name_Hall            ? 
_symmetry.space_group_name_H-M             'H 3 2' 
_symmetry.pdbx_full_space_group_name_H-M   ? 
# 
_exptl.absorpt_coefficient_mu     ? 
_exptl.absorpt_correction_T_max   ? 
_exptl.absorpt_correction_T_min   ? 
_exptl.absorpt_correction_type    ? 
_exptl.absorpt_process_details    ? 
_exptl.entry_id                   7OUO 
_exptl.crystals_number            1 
_exptl.details                    ? 
_exptl.method                     'X-RAY DIFFRACTION' 
_exptl.method_details             ? 
# 
_exptl_crystal.colour                      ? 
_exptl_crystal.density_diffrn              ? 
_exptl_crystal.density_Matthews            2.24 
_exptl_crystal.density_method              ? 
_exptl_crystal.density_percent_sol         45.11 
_exptl_crystal.description                 ? 
_exptl_crystal.F_000                       ? 
_exptl_crystal.id                          1 
_exptl_crystal.preparation                 ? 
_exptl_crystal.size_max                    ? 
_exptl_crystal.size_mid                    ? 
_exptl_crystal.size_min                    ? 
_exptl_crystal.size_rad                    ? 
_exptl_crystal.colour_lustre               ? 
_exptl_crystal.colour_modifier             ? 
_exptl_crystal.colour_primary              ? 
_exptl_crystal.density_meas                ? 
_exptl_crystal.density_meas_esd            ? 
_exptl_crystal.density_meas_gt             ? 
_exptl_crystal.density_meas_lt             ? 
_exptl_crystal.density_meas_temp           ? 
_exptl_crystal.density_meas_temp_esd       ? 
_exptl_crystal.density_meas_temp_gt        ? 
_exptl_crystal.density_meas_temp_lt        ? 
_exptl_crystal.pdbx_crystal_image_url      ? 
_exptl_crystal.pdbx_crystal_image_format   ? 
_exptl_crystal.pdbx_mosaicity              ? 
_exptl_crystal.pdbx_mosaicity_esd          ? 
# 
_exptl_crystal_grow.apparatus       ? 
_exptl_crystal_grow.atmosphere      ? 
_exptl_crystal_grow.crystal_id      1 
_exptl_crystal_grow.details         ? 
_exptl_crystal_grow.method          'VAPOR DIFFUSION, SITTING DROP' 
_exptl_crystal_grow.method_ref      ? 
_exptl_crystal_grow.pH              ? 
_exptl_crystal_grow.pressure        ? 
_exptl_crystal_grow.pressure_esd    ? 
_exptl_crystal_grow.seeding         ? 
_exptl_crystal_grow.seeding_ref     ? 
_exptl_crystal_grow.temp            293 
_exptl_crystal_grow.temp_details    ? 
_exptl_crystal_grow.temp_esd        ? 
_exptl_crystal_grow.time            ? 
_exptl_crystal_grow.pdbx_details    
;The crystal of the r(UCGUGCGA)2 duplex was obtained in the presence of its complementary strand UCGCACGA. The crystals grew in the 12th condition of nucleic acid mini-screen from Hampton (10% MPD, 0.040 M Sodium cacodylate trihydrate pH 6.0, 0.012 M Spermine tetrahydrochloride, 0.08M M Potassium chloride, 0.02M M Barium chloride) and further cryoprotected by 35% of MPD.
;
_exptl_crystal_grow.pdbx_pH_range   ? 
# 
_diffrn.ambient_environment              ? 
_diffrn.ambient_temp                     100 
_diffrn.ambient_temp_details             ? 
_diffrn.ambient_temp_esd                 ? 
_diffrn.crystal_id                       1 
_diffrn.crystal_support                  ? 
_diffrn.crystal_treatment                ? 
_diffrn.details                          ? 
_diffrn.id                               1 
_diffrn.ambient_pressure                 ? 
_diffrn.ambient_pressure_esd             ? 
_diffrn.ambient_pressure_gt              ? 
_diffrn.ambient_pressure_lt              ? 
_diffrn.ambient_temp_gt                  ? 
_diffrn.ambient_temp_lt                  ? 
_diffrn.pdbx_serial_crystal_experiment   N 
# 
_diffrn_detector.details                      ? 
_diffrn_detector.detector                     PIXEL 
_diffrn_detector.diffrn_id                    1 
_diffrn_detector.type                         'DECTRIS PILATUS 6M' 
_diffrn_detector.area_resol_mean              ? 
_diffrn_detector.dtime                        ? 
_diffrn_detector.pdbx_frames_total            ? 
_diffrn_detector.pdbx_collection_time_total   ? 
_diffrn_detector.pdbx_collection_date         2018-07-09 
_diffrn_detector.pdbx_frequency               ? 
# 
_diffrn_radiation.collimation                      ? 
_diffrn_radiation.diffrn_id                        1 
_diffrn_radiation.filter_edge                      ? 
_diffrn_radiation.inhomogeneity                    ? 
_diffrn_radiation.monochromator                    'Si(111)' 
_diffrn_radiation.polarisn_norm                    ? 
_diffrn_radiation.polarisn_ratio                   ? 
_diffrn_radiation.probe                            ? 
_diffrn_radiation.type                             ? 
_diffrn_radiation.xray_symbol                      ? 
_diffrn_radiation.wavelength_id                    1 
_diffrn_radiation.pdbx_monochromatic_or_laue_m_l   M 
_diffrn_radiation.pdbx_wavelength_list             ? 
_diffrn_radiation.pdbx_wavelength                  ? 
_diffrn_radiation.pdbx_diffrn_protocol             'SINGLE WAVELENGTH' 
_diffrn_radiation.pdbx_analyzer                    ? 
_diffrn_radiation.pdbx_scattering_type             x-ray 
# 
_diffrn_radiation_wavelength.id           1 
_diffrn_radiation_wavelength.wavelength   1.000 
_diffrn_radiation_wavelength.wt           1.0 
# 
_diffrn_source.current                     ? 
_diffrn_source.details                     ? 
_diffrn_source.diffrn_id                   1 
_diffrn_source.power                       ? 
_diffrn_source.size                        ? 
_diffrn_source.source                      SYNCHROTRON 
_diffrn_source.target                      ? 
_diffrn_source.type                        'APS BEAMLINE 22-BM' 
_diffrn_source.voltage                     ? 
_diffrn_source.take-off_angle              ? 
_diffrn_source.pdbx_wavelength_list        1.000 
_diffrn_source.pdbx_wavelength             ? 
_diffrn_source.pdbx_synchrotron_beamline   22-BM 
_diffrn_source.pdbx_synchrotron_site       APS 
# 
_reflns.B_iso_Wilson_estimate                          ? 
_reflns.entry_id                                       7OUO 
_reflns.data_reduction_details                         ? 
_reflns.data_reduction_method                          ? 
_reflns.d_resolution_high                              2.21 
_reflns.d_resolution_low                               80 
_reflns.details                                        ? 
_reflns.limit_h_max                                    ? 
_reflns.limit_h_min                                    ? 
_reflns.limit_k_max                                    ? 
_reflns.limit_k_min                                    ? 
_reflns.limit_l_max                                    ? 
_reflns.limit_l_min                                    ? 
_reflns.number_all                                     ? 
_reflns.number_obs                                     2460 
_reflns.observed_criterion                             ? 
_reflns.observed_criterion_F_max                       ? 
_reflns.observed_criterion_F_min                       ? 
_reflns.observed_criterion_I_max                       ? 
_reflns.observed_criterion_I_min                       ? 
_reflns.observed_criterion_sigma_F                     ? 
_reflns.observed_criterion_sigma_I                     ? 
_reflns.percent_possible_obs                           99.5 
_reflns.R_free_details                                 ? 
_reflns.Rmerge_F_all                                   ? 
_reflns.Rmerge_F_obs                                   ? 
_reflns.Friedel_coverage                               ? 
_reflns.number_gt                                      ? 
_reflns.threshold_expression                           ? 
_reflns.pdbx_redundancy                                5.7 
_reflns.pdbx_Rmerge_I_obs                              0.04 
_reflns.pdbx_Rmerge_I_all                              ? 
_reflns.pdbx_Rsym_value                                ? 
_reflns.pdbx_netI_over_av_sigmaI                       ? 
_reflns.pdbx_netI_over_sigmaI                          17.3 
_reflns.pdbx_res_netI_over_av_sigmaI_2                 ? 
_reflns.pdbx_res_netI_over_sigmaI_2                    ? 
_reflns.pdbx_chi_squared                               ? 
_reflns.pdbx_scaling_rejects                           ? 
_reflns.pdbx_d_res_high_opt                            ? 
_reflns.pdbx_d_res_low_opt                             ? 
_reflns.pdbx_d_res_opt_method                          ? 
_reflns.phase_calculation_details                      ? 
_reflns.pdbx_Rrim_I_all                                0.045 
_reflns.pdbx_Rpim_I_all                                ? 
_reflns.pdbx_d_opt                                     ? 
_reflns.pdbx_number_measured_all                       ? 
_reflns.pdbx_diffrn_id                                 1 
_reflns.pdbx_ordinal                                   1 
_reflns.pdbx_CC_half                                   1.00 
_reflns.pdbx_CC_star                                   ? 
_reflns.pdbx_R_split                                   ? 
_reflns.pdbx_aniso_diffraction_limit_axis_1_ortho[1]   ? 
_reflns.pdbx_aniso_diffraction_limit_axis_1_ortho[2]   ? 
_reflns.pdbx_aniso_diffraction_limit_axis_1_ortho[3]   ? 
_reflns.pdbx_aniso_diffraction_limit_axis_2_ortho[1]   ? 
_reflns.pdbx_aniso_diffraction_limit_axis_2_ortho[2]   ? 
_reflns.pdbx_aniso_diffraction_limit_axis_2_ortho[3]   ? 
_reflns.pdbx_aniso_diffraction_limit_axis_3_ortho[1]   ? 
_reflns.pdbx_aniso_diffraction_limit_axis_3_ortho[2]   ? 
_reflns.pdbx_aniso_diffraction_limit_axis_3_ortho[3]   ? 
_reflns.pdbx_aniso_diffraction_limit_1                 ? 
_reflns.pdbx_aniso_diffraction_limit_2                 ? 
_reflns.pdbx_aniso_diffraction_limit_3                 ? 
_reflns.pdbx_aniso_B_tensor_eigenvector_1_ortho[1]     ? 
_reflns.pdbx_aniso_B_tensor_eigenvector_1_ortho[2]     ? 
_reflns.pdbx_aniso_B_tensor_eigenvector_1_ortho[3]     ? 
_reflns.pdbx_aniso_B_tensor_eigenvector_2_ortho[1]     ? 
_reflns.pdbx_aniso_B_tensor_eigenvector_2_ortho[2]     ? 
_reflns.pdbx_aniso_B_tensor_eigenvector_2_ortho[3]     ? 
_reflns.pdbx_aniso_B_tensor_eigenvector_3_ortho[1]     ? 
_reflns.pdbx_aniso_B_tensor_eigenvector_3_ortho[2]     ? 
_reflns.pdbx_aniso_B_tensor_eigenvector_3_ortho[3]     ? 
_reflns.pdbx_aniso_B_tensor_eigenvalue_1               ? 
_reflns.pdbx_aniso_B_tensor_eigenvalue_2               ? 
_reflns.pdbx_aniso_B_tensor_eigenvalue_3               ? 
_reflns.pdbx_orthogonalization_convention              ? 
_reflns.pdbx_percent_possible_ellipsoidal              ? 
_reflns.pdbx_percent_possible_spherical                ? 
_reflns.pdbx_percent_possible_ellipsoidal_anomalous    ? 
_reflns.pdbx_percent_possible_spherical_anomalous      ? 
_reflns.pdbx_redundancy_anomalous                      ? 
_reflns.pdbx_CC_half_anomalous                         ? 
_reflns.pdbx_absDiff_over_sigma_anomalous              ? 
_reflns.pdbx_percent_possible_anomalous                ? 
_reflns.pdbx_observed_signal_threshold                 ? 
_reflns.pdbx_signal_type                               ? 
_reflns.pdbx_signal_details                            ? 
_reflns.pdbx_signal_software_id                        ? 
# 
_reflns_shell.d_res_high                                    2.21 
_reflns_shell.d_res_low                                     2.35 
_reflns_shell.meanI_over_sigI_all                           ? 
_reflns_shell.meanI_over_sigI_obs                           1.9 
_reflns_shell.number_measured_all                           ? 
_reflns_shell.number_measured_obs                           ? 
_reflns_shell.number_possible                               ? 
_reflns_shell.number_unique_all                             ? 
_reflns_shell.number_unique_obs                             386 
_reflns_shell.percent_possible_all                          ? 
_reflns_shell.percent_possible_obs                          ? 
_reflns_shell.Rmerge_F_all                                  ? 
_reflns_shell.Rmerge_F_obs                                  ? 
_reflns_shell.Rmerge_I_all                                  ? 
_reflns_shell.Rmerge_I_obs                                  1.12 
_reflns_shell.meanI_over_sigI_gt                            ? 
_reflns_shell.meanI_over_uI_all                             ? 
_reflns_shell.meanI_over_uI_gt                              ? 
_reflns_shell.number_measured_gt                            ? 
_reflns_shell.number_unique_gt                              ? 
_reflns_shell.percent_possible_gt                           ? 
_reflns_shell.Rmerge_F_gt                                   ? 
_reflns_shell.Rmerge_I_gt                                   ? 
_reflns_shell.pdbx_redundancy                               ? 
_reflns_shell.pdbx_Rsym_value                               ? 
_reflns_shell.pdbx_chi_squared                              ? 
_reflns_shell.pdbx_netI_over_sigmaI_all                     ? 
_reflns_shell.pdbx_netI_over_sigmaI_obs                     ? 
_reflns_shell.pdbx_Rrim_I_all                               1.24 
_reflns_shell.pdbx_Rpim_I_all                               ? 
_reflns_shell.pdbx_rejects                                  ? 
_reflns_shell.pdbx_ordinal                                  1 
_reflns_shell.pdbx_diffrn_id                                1 
_reflns_shell.pdbx_CC_half                                  0.81 
_reflns_shell.pdbx_CC_star                                  ? 
_reflns_shell.pdbx_R_split                                  ? 
_reflns_shell.pdbx_percent_possible_ellipsoidal             ? 
_reflns_shell.pdbx_percent_possible_spherical               ? 
_reflns_shell.pdbx_percent_possible_ellipsoidal_anomalous   ? 
_reflns_shell.pdbx_percent_possible_spherical_anomalous     ? 
_reflns_shell.pdbx_redundancy_anomalous                     ? 
_reflns_shell.pdbx_CC_half_anomalous                        ? 
_reflns_shell.pdbx_absDiff_over_sigma_anomalous             ? 
_reflns_shell.pdbx_percent_possible_anomalous               ? 
# 
_refine.aniso_B[1][1]                            2.771 
_refine.aniso_B[1][2]                            1.385 
_refine.aniso_B[1][3]                            -0.000 
_refine.aniso_B[2][2]                            2.771 
_refine.aniso_B[2][3]                            -0.000 
_refine.aniso_B[3][3]                            -8.988 
_refine.B_iso_max                                ? 
_refine.B_iso_mean                               70 
_refine.B_iso_min                                ? 
_refine.correlation_coeff_Fo_to_Fc               0.964 
_refine.correlation_coeff_Fo_to_Fc_free          0.959 
_refine.details                                  'Hydrogens have been added in their riding positions' 
_refine.diff_density_max                         ? 
_refine.diff_density_max_esd                     ? 
_refine.diff_density_min                         ? 
_refine.diff_density_min_esd                     ? 
_refine.diff_density_rms                         ? 
_refine.diff_density_rms_esd                     ? 
_refine.entry_id                                 7OUO 
_refine.pdbx_refine_id                           'X-RAY DIFFRACTION' 
_refine.ls_abs_structure_details                 ? 
_refine.ls_abs_structure_Flack                   ? 
_refine.ls_abs_structure_Flack_esd               ? 
_refine.ls_abs_structure_Rogers                  ? 
_refine.ls_abs_structure_Rogers_esd              ? 
_refine.ls_d_res_high                            2.212 
_refine.ls_d_res_low                             36.383 
_refine.ls_extinction_coef                       ? 
_refine.ls_extinction_coef_esd                   ? 
_refine.ls_extinction_expression                 ? 
_refine.ls_extinction_method                     ? 
_refine.ls_goodness_of_fit_all                   ? 
_refine.ls_goodness_of_fit_all_esd               ? 
_refine.ls_goodness_of_fit_obs                   ? 
_refine.ls_goodness_of_fit_obs_esd               ? 
_refine.ls_hydrogen_treatment                    ? 
_refine.ls_matrix_type                           ? 
_refine.ls_number_constraints                    ? 
_refine.ls_number_parameters                     ? 
_refine.ls_number_reflns_all                     ? 
_refine.ls_number_reflns_obs                     2459 
_refine.ls_number_reflns_R_free                  123 
_refine.ls_number_reflns_R_work                  2336 
_refine.ls_number_restraints                     ? 
_refine.ls_percent_reflns_obs                    99.434 
_refine.ls_percent_reflns_R_free                 5 
_refine.ls_R_factor_all                          0.236 
_refine.ls_R_factor_obs                          ? 
_refine.ls_R_factor_R_free                       0.2857 
_refine.ls_R_factor_R_free_error                 ? 
_refine.ls_R_factor_R_free_error_details         ? 
_refine.ls_R_factor_R_work                       0.2337 
_refine.ls_R_Fsqd_factor_obs                     ? 
_refine.ls_R_I_factor_obs                        ? 
_refine.ls_redundancy_reflns_all                 ? 
_refine.ls_redundancy_reflns_obs                 ? 
_refine.ls_restrained_S_all                      ? 
_refine.ls_restrained_S_obs                      ? 
_refine.ls_shift_over_esd_max                    ? 
_refine.ls_shift_over_esd_mean                   ? 
_refine.ls_structure_factor_coef                 ? 
_refine.ls_weighting_details                     ? 
_refine.ls_weighting_scheme                      ? 
_refine.ls_wR_factor_all                         ? 
_refine.ls_wR_factor_obs                         ? 
_refine.ls_wR_factor_R_free                      ? 
_refine.ls_wR_factor_R_work                      ? 
_refine.occupancy_max                            ? 
_refine.occupancy_min                            ? 
_refine.solvent_model_details                    'MASK BULK SOLVENT' 
_refine.solvent_model_param_bsol                 ? 
_refine.solvent_model_param_ksol                 ? 
_refine.pdbx_R_complete                          ? 
_refine.ls_R_factor_gt                           ? 
_refine.ls_goodness_of_fit_gt                    ? 
_refine.ls_goodness_of_fit_ref                   ? 
_refine.ls_shift_over_su_max                     ? 
_refine.ls_shift_over_su_max_lt                  ? 
_refine.ls_shift_over_su_mean                    ? 
_refine.ls_shift_over_su_mean_lt                 ? 
_refine.pdbx_ls_sigma_I                          ? 
_refine.pdbx_ls_sigma_F                          ? 
_refine.pdbx_ls_sigma_Fsqd                       ? 
_refine.pdbx_data_cutoff_high_absF               ? 
_refine.pdbx_data_cutoff_high_rms_absF           ? 
_refine.pdbx_data_cutoff_low_absF                ? 
_refine.pdbx_isotropic_thermal_model             ? 
_refine.pdbx_ls_cross_valid_method               'FREE R-VALUE' 
_refine.pdbx_method_to_determine_struct          'MOLECULAR REPLACEMENT' 
_refine.pdbx_starting_model                      'model generated by Coot' 
_refine.pdbx_stereochemistry_target_values       ? 
_refine.pdbx_R_Free_selection_details            ? 
_refine.pdbx_stereochem_target_val_spec_case     ? 
_refine.pdbx_overall_ESU_R                       0.310 
_refine.pdbx_overall_ESU_R_Free                  0.245 
_refine.pdbx_solvent_vdw_probe_radii             1.200 
_refine.pdbx_solvent_ion_probe_radii             0.800 
_refine.pdbx_solvent_shrinkage_radii             0.800 
_refine.pdbx_real_space_R                        ? 
_refine.pdbx_density_correlation                 ? 
_refine.pdbx_pd_number_of_powder_patterns        ? 
_refine.pdbx_pd_number_of_points                 ? 
_refine.pdbx_pd_meas_number_of_points            ? 
_refine.pdbx_pd_proc_ls_prof_R_factor            ? 
_refine.pdbx_pd_proc_ls_prof_wR_factor           ? 
_refine.pdbx_pd_Marquardt_correlation_coeff      ? 
_refine.pdbx_pd_Fsqrd_R_factor                   ? 
_refine.pdbx_pd_ls_matrix_band_width             ? 
_refine.pdbx_overall_phase_error                 ? 
_refine.pdbx_overall_SU_R_free_Cruickshank_DPI   ? 
_refine.pdbx_overall_SU_R_free_Blow_DPI          ? 
_refine.pdbx_overall_SU_R_Blow_DPI               ? 
_refine.pdbx_TLS_residual_ADP_flag               ? 
_refine.pdbx_diffrn_id                           1 
_refine.overall_SU_B                             26.087 
_refine.overall_SU_ML                            0.270 
_refine.overall_SU_R_Cruickshank_DPI             ? 
_refine.overall_SU_R_free                        ? 
_refine.overall_FOM_free_R_set                   ? 
_refine.overall_FOM_work_R_set                   ? 
_refine.pdbx_average_fsc_overall                 ? 
_refine.pdbx_average_fsc_work                    ? 
_refine.pdbx_average_fsc_free                    ? 
# 
_refine_hist.pdbx_refine_id                   'X-RAY DIFFRACTION' 
_refine_hist.cycle_id                         LAST 
_refine_hist.pdbx_number_atoms_protein        0 
_refine_hist.pdbx_number_atoms_nucleic_acid   336 
_refine_hist.pdbx_number_atoms_ligand         1 
_refine_hist.number_atoms_solvent             2 
_refine_hist.number_atoms_total               339 
_refine_hist.d_res_high                       2.212 
_refine_hist.d_res_low                        36.383 
# 
loop_
_refine_ls_restr.pdbx_refine_id 
_refine_ls_restr.criterion 
_refine_ls_restr.dev_ideal 
_refine_ls_restr.dev_ideal_target 
_refine_ls_restr.number 
_refine_ls_restr.rejects 
_refine_ls_restr.type 
_refine_ls_restr.weight 
_refine_ls_restr.pdbx_restraint_function 
'X-RAY DIFFRACTION' ? 0.000 0.001  374 ? r_bond_refined_d               ? ? 
'X-RAY DIFFRACTION' ? 0.003 0.020  158 ? r_bond_other_d                 ? ? 
'X-RAY DIFFRACTION' ? 1.584 1.027  580 ? r_angle_refined_deg            ? ? 
'X-RAY DIFFRACTION' ? 1.401 2.515  382 ? r_angle_other_deg              ? ? 
'X-RAY DIFFRACTION' ? 0.087 0.200  64  ? r_chiral_restr                 ? ? 
'X-RAY DIFFRACTION' ? 0.024 0.020  190 ? r_gen_planes_refined           ? ? 
'X-RAY DIFFRACTION' ? 0.001 0.020  72  ? r_gen_planes_other             ? ? 
'X-RAY DIFFRACTION' ? 0.173 0.200  49  ? r_nbd_refined                  ? ? 
'X-RAY DIFFRACTION' ? 0.273 0.200  190 ? r_symmetry_nbd_other           ? ? 
'X-RAY DIFFRACTION' ? 0.249 0.200  136 ? r_nbtor_refined                ? ? 
'X-RAY DIFFRACTION' ? 0.075 0.200  81  ? r_symmetry_nbtor_other         ? ? 
'X-RAY DIFFRACTION' ? 0.186 0.200  7   ? r_xyhbond_nbd_refined          ? ? 
'X-RAY DIFFRACTION' ? 0.143 0.200  1   ? r_symmetry_xyhbond_nbd_other   ? ? 
'X-RAY DIFFRACTION' ? 0.113 0.200  4   ? r_symmetry_nbd_refined         ? ? 
'X-RAY DIFFRACTION' ? 0.200 0.200  20  ? r_nbd_other                    ? ? 
'X-RAY DIFFRACTION' ? 0.169 0.200  2   ? r_symmetry_xyhbond_nbd_refined ? ? 
'X-RAY DIFFRACTION' ? 5.229 5.055  374 ? r_scbond_it                    ? ? 
'X-RAY DIFFRACTION' ? 5.226 5.057  375 ? r_scbond_other                 ? ? 
'X-RAY DIFFRACTION' ? 6.738 7.590  580 ? r_scangle_it                   ? ? 
'X-RAY DIFFRACTION' ? 6.733 7.591  581 ? r_scangle_other                ? ? 
'X-RAY DIFFRACTION' ? 8.449 47.665 507 ? r_lrange_it                    ? ? 
'X-RAY DIFFRACTION' ? 8.452 47.642 508 ? r_lrange_other                 ? ? 
# 
loop_
_refine_ls_shell.pdbx_refine_id 
_refine_ls_shell.d_res_high 
_refine_ls_shell.d_res_low 
_refine_ls_shell.number_reflns_all 
_refine_ls_shell.number_reflns_obs 
_refine_ls_shell.number_reflns_R_free 
_refine_ls_shell.number_reflns_R_work 
_refine_ls_shell.percent_reflns_obs 
_refine_ls_shell.percent_reflns_R_free 
_refine_ls_shell.R_factor_all 
_refine_ls_shell.R_factor_obs 
_refine_ls_shell.R_factor_R_free 
_refine_ls_shell.R_factor_R_free_error 
_refine_ls_shell.R_factor_R_work 
_refine_ls_shell.redundancy_reflns_all 
_refine_ls_shell.redundancy_reflns_obs 
_refine_ls_shell.wR_factor_all 
_refine_ls_shell.wR_factor_obs 
_refine_ls_shell.wR_factor_R_free 
_refine_ls_shell.wR_factor_R_work 
_refine_ls_shell.pdbx_R_complete 
_refine_ls_shell.pdbx_total_number_of_bins_used 
_refine_ls_shell.pdbx_phase_error 
_refine_ls_shell.pdbx_fsc_work 
_refine_ls_shell.pdbx_fsc_free 
'X-RAY DIFFRACTION' 2.212 2.269  181 . 9 171 99.4475  . 0.472 . 0.466 . 0.472 . . . . . 0.434 . 20 . 0.557 0.438 
'X-RAY DIFFRACTION' 2.269 2.331  175 . 8 167 100.0000 . 0.440 . 0.375 . 0.443 . . . . . 0.400 . 20 . 0.623 0.641 
'X-RAY DIFFRACTION' 2.331 2.398  167 . 9 158 100.0000 . 0.398 . 0.336 . 0.403 . . . . . 0.380 . 20 . 0.582 0.606 
'X-RAY DIFFRACTION' 2.398 2.472  157 . 8 148 99.3631  . 0.446 . 0.631 . 0.438 . . . . . 0.405 . 20 . 0.562 0.415 
'X-RAY DIFFRACTION' 2.472 2.553  162 . 8 153 99.3827  . 0.497 . 0.346 . 0.509 . . . . . 0.443 . 20 . 0.569 0.539 
'X-RAY DIFFRACTION' 2.553 2.642  154 . 7 147 100.0000 . 0.393 . 0.551 . 0.389 . . . . . 0.321 . 20 . 0.629 0.452 
'X-RAY DIFFRACTION' 2.642 2.741  146 . 8 138 100.0000 . 0.411 . 0.201 . 0.425 . . . . . 0.330 . 20 . 0.613 0.576 
'X-RAY DIFFRACTION' 2.741 2.852  146 . 7 139 100.0000 . 0.375 . 0.258 . 0.383 . . . . . 0.353 . 20 . 0.743 0.831 
'X-RAY DIFFRACTION' 2.852 2.978  137 . 7 130 100.0000 . 0.348 . 0.436 . 0.344 . . . . . 0.348 . 20 . 0.850 0.749 
'X-RAY DIFFRACTION' 2.978 3.122  130 . 6 124 100.0000 . 0.207 . 0.380 . 0.201 . . . . . 0.227 . 20 . 0.931 0.824 
'X-RAY DIFFRACTION' 3.122 3.290  126 . 6 119 99.2063  . 0.199 . 0.149 . 0.202 . . . . . 0.232 . 20 . 0.958 0.975 
'X-RAY DIFFRACTION' 3.290 3.488  117 . 6 111 100.0000 . 0.250 . 0.227 . 0.252 . . . . . 0.258 . 20 . 0.916 0.928 
'X-RAY DIFFRACTION' 3.488 3.726  120 . 6 113 99.1667  . 0.201 . 0.303 . 0.194 . . . . . 0.227 . 20 . 0.958 0.925 
'X-RAY DIFFRACTION' 3.726 4.021  109 . 6 103 100.0000 . 0.172 . 0.177 . 0.172 . . . . . 0.184 . 20 . 0.961 0.917 
'X-RAY DIFFRACTION' 4.021 4.400  101 . 5 95  99.0099  . 0.176 . 0.301 . 0.171 . . . . . 0.185 . 20 . 0.963 0.949 
'X-RAY DIFFRACTION' 4.400 4.910  91  . 4 87  100.0000 . 0.172 . 0.447 . 0.164 . . . . . 0.183 . 20 . 0.962 0.877 
'X-RAY DIFFRACTION' 4.910 5.652  79  . 4 75  100.0000 . 0.174 . 0.583 . 0.164 . . . . . 0.211 . 20 . 0.972 0.763 
'X-RAY DIFFRACTION' 5.652 6.881  74  . 4 68  97.2973  . 0.217 . 0.450 . 0.209 . . . . . 0.268 . 20 . 0.959 0.858 
'X-RAY DIFFRACTION' 6.881 9.562  59  . 3 54  96.6102  . 0.199 . 0.251 . 0.196 . . . . . 0.262 . 20 . 0.971 0.952 
'X-RAY DIFFRACTION' 9.562 36.383 40  . 2 35  92.5000  . 0.237 . 0.204 . 0.242 . . . . . 0.283 . 20 . 0.958 1.000 
# 
_struct.entry_id                     7OUO 
_struct.title                        'Crystal structure of RNA duplex [UCGUGCGA]2 in complex with Ba2+ cation' 
_struct.pdbx_model_details           ? 
_struct.pdbx_formula_weight          ? 
_struct.pdbx_formula_weight_method   ? 
_struct.pdbx_model_type_details      ? 
_struct.pdbx_CASP_flag               N 
# 
_struct_keywords.entry_id        7OUO 
_struct_keywords.text            'GU wobble base, GU tandem motif I, RNA' 
_struct_keywords.pdbx_keywords   RNA 
# 
loop_
_struct_asym.id 
_struct_asym.pdbx_blank_PDB_chainid_flag 
_struct_asym.pdbx_modified 
_struct_asym.entity_id 
_struct_asym.details 
A N N 1 ? 
B N N 1 ? 
C N N 2 ? 
D N N 3 ? 
# 
_struct_ref.id                         1 
_struct_ref.db_name                    PDB 
_struct_ref.db_code                    7OUO 
_struct_ref.pdbx_db_accession          7OUO 
_struct_ref.pdbx_db_isoform            ? 
_struct_ref.entity_id                  1 
_struct_ref.pdbx_seq_one_letter_code   ? 
_struct_ref.pdbx_align_begin           1 
# 
loop_
_struct_ref_seq.align_id 
_struct_ref_seq.ref_id 
_struct_ref_seq.pdbx_PDB_id_code 
_struct_ref_seq.pdbx_strand_id 
_struct_ref_seq.seq_align_beg 
_struct_ref_seq.pdbx_seq_align_beg_ins_code 
_struct_ref_seq.seq_align_end 
_struct_ref_seq.pdbx_seq_align_end_ins_code 
_struct_ref_seq.pdbx_db_accession 
_struct_ref_seq.db_align_beg 
_struct_ref_seq.pdbx_db_align_beg_ins_code 
_struct_ref_seq.db_align_end 
_struct_ref_seq.pdbx_db_align_end_ins_code 
_struct_ref_seq.pdbx_auth_seq_align_beg 
_struct_ref_seq.pdbx_auth_seq_align_end 
1 1 7OUO AAA 1 ? 8 ? 7OUO 1 ? 8 ? 1 8 
2 1 7OUO BBB 1 ? 8 ? 7OUO 1 ? 8 ? 1 8 
# 
_pdbx_struct_assembly.id                   1 
_pdbx_struct_assembly.details              author_and_software_defined_assembly 
_pdbx_struct_assembly.method_details       PISA 
_pdbx_struct_assembly.oligomeric_details   dimeric 
_pdbx_struct_assembly.oligomeric_count     2 
# 
loop_
_pdbx_struct_assembly_prop.biol_id 
_pdbx_struct_assembly_prop.type 
_pdbx_struct_assembly_prop.value 
_pdbx_struct_assembly_prop.details 
1 'ABSA (A^2)' 1180 ? 
1 MORE         -19  ? 
1 'SSA (A^2)'  2970 ? 
# 
_pdbx_struct_assembly_gen.assembly_id       1 
_pdbx_struct_assembly_gen.oper_expression   1 
_pdbx_struct_assembly_gen.asym_id_list      A,B,C,D 
# 
_pdbx_struct_assembly_auth_evidence.id                     1 
_pdbx_struct_assembly_auth_evidence.assembly_id            1 
_pdbx_struct_assembly_auth_evidence.experimental_support   none 
_pdbx_struct_assembly_auth_evidence.details                ? 
# 
_pdbx_struct_oper_list.id                   1 
_pdbx_struct_oper_list.type                 'identity operation' 
_pdbx_struct_oper_list.name                 1_555 
_pdbx_struct_oper_list.symmetry_operation   x,y,z 
_pdbx_struct_oper_list.matrix[1][1]         1.0000000000 
_pdbx_struct_oper_list.matrix[1][2]         0.0000000000 
_pdbx_struct_oper_list.matrix[1][3]         0.0000000000 
_pdbx_struct_oper_list.vector[1]            0.0000000000 
_pdbx_struct_oper_list.matrix[2][1]         0.0000000000 
_pdbx_struct_oper_list.matrix[2][2]         1.0000000000 
_pdbx_struct_oper_list.matrix[2][3]         0.0000000000 
_pdbx_struct_oper_list.vector[2]            0.0000000000 
_pdbx_struct_oper_list.matrix[3][1]         0.0000000000 
_pdbx_struct_oper_list.matrix[3][2]         0.0000000000 
_pdbx_struct_oper_list.matrix[3][3]         1.0000000000 
_pdbx_struct_oper_list.vector[3]            0.0000000000 
# 
loop_
_struct_conn.id 
_struct_conn.conn_type_id 
_struct_conn.pdbx_leaving_atom_flag 
_struct_conn.pdbx_PDB_id 
_struct_conn.ptnr1_label_asym_id 
_struct_conn.ptnr1_label_comp_id 
_struct_conn.ptnr1_label_seq_id 
_struct_conn.ptnr1_label_atom_id 
_struct_conn.pdbx_ptnr1_label_alt_id 
_struct_conn.pdbx_ptnr1_PDB_ins_code 
_struct_conn.pdbx_ptnr1_standard_comp_id 
_struct_conn.ptnr1_symmetry 
_struct_conn.ptnr2_label_asym_id 
_struct_conn.ptnr2_label_comp_id 
_struct_conn.ptnr2_label_seq_id 
_struct_conn.ptnr2_label_atom_id 
_struct_conn.pdbx_ptnr2_label_alt_id 
_struct_conn.pdbx_ptnr2_PDB_ins_code 
_struct_conn.ptnr1_auth_asym_id 
_struct_conn.ptnr1_auth_comp_id 
_struct_conn.ptnr1_auth_seq_id 
_struct_conn.ptnr2_auth_asym_id 
_struct_conn.ptnr2_auth_comp_id 
_struct_conn.ptnr2_auth_seq_id 
_struct_conn.ptnr2_symmetry 
_struct_conn.pdbx_ptnr3_label_atom_id 
_struct_conn.pdbx_ptnr3_label_seq_id 
_struct_conn.pdbx_ptnr3_label_comp_id 
_struct_conn.pdbx_ptnr3_label_asym_id 
_struct_conn.pdbx_ptnr3_label_alt_id 
_struct_conn.pdbx_ptnr3_PDB_ins_code 
_struct_conn.details 
_struct_conn.pdbx_dist_value 
_struct_conn.pdbx_value_order 
_struct_conn.pdbx_role 
metalc1  metalc ? ? A U  4 O4 ? ? ? 1_555 C BA  . BA ? ? AAA U  4   AAA BA  101 1_555 ? ? ? ? ? ? ?            2.807 ? ? 
metalc2  metalc ? ? A G  5 O6 ? ? ? 1_555 C BA  . BA ? ? AAA G  5   AAA BA  101 1_555 ? ? ? ? ? ? ?            3.177 ? ? 
metalc3  metalc ? ? C BA . BA ? ? ? 1_555 B U   4 O4 ? ? AAA BA 101 BBB U   4   1_555 ? ? ? ? ? ? ?            2.935 ? ? 
metalc4  metalc ? ? C BA . BA ? ? ? 1_555 D HOH . O  ? ? AAA BA 101 BBB HOH 101 1_555 ? ? ? ? ? ? ?            2.800 ? ? 
metalc5  metalc ? ? C BA . BA ? ? ? 1_555 D HOH . O  ? ? AAA BA 101 BBB HOH 102 1_555 ? ? ? ? ? ? ?            2.967 ? ? 
hydrog1  hydrog ? ? A U  1 N3 ? ? ? 1_555 B A   8 N1 ? ? AAA U  1   BBB A   8   1_555 ? ? ? ? ? ? WATSON-CRICK ?     ? ? 
hydrog2  hydrog ? ? A U  1 O4 ? ? ? 1_555 B A   8 N6 ? ? AAA U  1   BBB A   8   1_555 ? ? ? ? ? ? WATSON-CRICK ?     ? ? 
hydrog3  hydrog ? ? A C  2 N3 ? ? ? 1_555 B G   7 N1 ? ? AAA C  2   BBB G   7   1_555 ? ? ? ? ? ? WATSON-CRICK ?     ? ? 
hydrog4  hydrog ? ? A C  2 N4 ? ? ? 1_555 B G   7 O6 ? ? AAA C  2   BBB G   7   1_555 ? ? ? ? ? ? WATSON-CRICK ?     ? ? 
hydrog5  hydrog ? ? A C  2 O2 ? ? ? 1_555 B G   7 N2 ? ? AAA C  2   BBB G   7   1_555 ? ? ? ? ? ? WATSON-CRICK ?     ? ? 
hydrog6  hydrog ? ? A G  3 N1 ? ? ? 1_555 B C   6 N3 ? ? AAA G  3   BBB C   6   1_555 ? ? ? ? ? ? WATSON-CRICK ?     ? ? 
hydrog7  hydrog ? ? A G  3 N2 ? ? ? 1_555 B C   6 O2 ? ? AAA G  3   BBB C   6   1_555 ? ? ? ? ? ? WATSON-CRICK ?     ? ? 
hydrog8  hydrog ? ? A G  3 O6 ? ? ? 1_555 B C   6 N4 ? ? AAA G  3   BBB C   6   1_555 ? ? ? ? ? ? WATSON-CRICK ?     ? ? 
hydrog9  hydrog ? ? A U  4 N3 ? ? ? 1_555 B G   5 O6 ? ? AAA U  4   BBB G   5   1_555 ? ? ? ? ? ? TYPE_28_PAIR ?     ? ? 
hydrog10 hydrog ? ? A U  4 O2 ? ? ? 1_555 B G   5 N1 ? ? AAA U  4   BBB G   5   1_555 ? ? ? ? ? ? TYPE_28_PAIR ?     ? ? 
hydrog11 hydrog ? ? A G  5 N1 ? ? ? 1_555 B U   4 O2 ? ? AAA G  5   BBB U   4   1_555 ? ? ? ? ? ? TYPE_28_PAIR ?     ? ? 
hydrog12 hydrog ? ? A G  5 O6 ? ? ? 1_555 B U   4 N3 ? ? AAA G  5   BBB U   4   1_555 ? ? ? ? ? ? TYPE_28_PAIR ?     ? ? 
hydrog13 hydrog ? ? A C  6 N3 ? ? ? 1_555 B G   3 N1 ? ? AAA C  6   BBB G   3   1_555 ? ? ? ? ? ? WATSON-CRICK ?     ? ? 
hydrog14 hydrog ? ? A C  6 N4 ? ? ? 1_555 B G   3 O6 ? ? AAA C  6   BBB G   3   1_555 ? ? ? ? ? ? WATSON-CRICK ?     ? ? 
hydrog15 hydrog ? ? A C  6 O2 ? ? ? 1_555 B G   3 N2 ? ? AAA C  6   BBB G   3   1_555 ? ? ? ? ? ? WATSON-CRICK ?     ? ? 
hydrog16 hydrog ? ? A G  7 N1 ? ? ? 1_555 B C   2 N3 ? ? AAA G  7   BBB C   2   1_555 ? ? ? ? ? ? WATSON-CRICK ?     ? ? 
hydrog17 hydrog ? ? A G  7 N2 ? ? ? 1_555 B C   2 O2 ? ? AAA G  7   BBB C   2   1_555 ? ? ? ? ? ? WATSON-CRICK ?     ? ? 
hydrog18 hydrog ? ? A G  7 O6 ? ? ? 1_555 B C   2 N4 ? ? AAA G  7   BBB C   2   1_555 ? ? ? ? ? ? WATSON-CRICK ?     ? ? 
hydrog19 hydrog ? ? A A  8 N1 ? ? ? 1_555 B U   1 N3 ? ? AAA A  8   BBB U   1   1_555 ? ? ? ? ? ? WATSON-CRICK ?     ? ? 
hydrog20 hydrog ? ? A A  8 N6 ? ? ? 1_555 B U   1 O4 ? ? AAA A  8   BBB U   1   1_555 ? ? ? ? ? ? WATSON-CRICK ?     ? ? 
# 
loop_
_struct_conn_type.id 
_struct_conn_type.criteria 
_struct_conn_type.reference 
metalc ? ? 
hydrog ? ? 
# 
loop_
_pdbx_struct_conn_angle.id 
_pdbx_struct_conn_angle.ptnr1_label_atom_id 
_pdbx_struct_conn_angle.ptnr1_label_alt_id 
_pdbx_struct_conn_angle.ptnr1_label_asym_id 
_pdbx_struct_conn_angle.ptnr1_label_comp_id 
_pdbx_struct_conn_angle.ptnr1_label_seq_id 
_pdbx_struct_conn_angle.ptnr1_auth_atom_id 
_pdbx_struct_conn_angle.ptnr1_auth_asym_id 
_pdbx_struct_conn_angle.ptnr1_auth_comp_id 
_pdbx_struct_conn_angle.ptnr1_auth_seq_id 
_pdbx_struct_conn_angle.ptnr1_PDB_ins_code 
_pdbx_struct_conn_angle.ptnr1_symmetry 
_pdbx_struct_conn_angle.ptnr2_label_atom_id 
_pdbx_struct_conn_angle.ptnr2_label_alt_id 
_pdbx_struct_conn_angle.ptnr2_label_asym_id 
_pdbx_struct_conn_angle.ptnr2_label_comp_id 
_pdbx_struct_conn_angle.ptnr2_label_seq_id 
_pdbx_struct_conn_angle.ptnr2_auth_atom_id 
_pdbx_struct_conn_angle.ptnr2_auth_asym_id 
_pdbx_struct_conn_angle.ptnr2_auth_comp_id 
_pdbx_struct_conn_angle.ptnr2_auth_seq_id 
_pdbx_struct_conn_angle.ptnr2_PDB_ins_code 
_pdbx_struct_conn_angle.ptnr2_symmetry 
_pdbx_struct_conn_angle.ptnr3_label_atom_id 
_pdbx_struct_conn_angle.ptnr3_label_alt_id 
_pdbx_struct_conn_angle.ptnr3_label_asym_id 
_pdbx_struct_conn_angle.ptnr3_label_comp_id 
_pdbx_struct_conn_angle.ptnr3_label_seq_id 
_pdbx_struct_conn_angle.ptnr3_auth_atom_id 
_pdbx_struct_conn_angle.ptnr3_auth_asym_id 
_pdbx_struct_conn_angle.ptnr3_auth_comp_id 
_pdbx_struct_conn_angle.ptnr3_auth_seq_id 
_pdbx_struct_conn_angle.ptnr3_PDB_ins_code 
_pdbx_struct_conn_angle.ptnr3_symmetry 
_pdbx_struct_conn_angle.value 
_pdbx_struct_conn_angle.value_esd 
1  O4 ? A U   4 ? AAA U   4   ? 1_555 BA ? C BA . ? AAA BA 101 ? 1_555 O6 ? A G   5 ? AAA G   5   ? 1_555 92.0  ? 
2  O4 ? A U   4 ? AAA U   4   ? 1_555 BA ? C BA . ? AAA BA 101 ? 1_555 O4 ? B U   4 ? BBB U   4   ? 1_555 138.9 ? 
3  O6 ? A G   5 ? AAA G   5   ? 1_555 BA ? C BA . ? AAA BA 101 ? 1_555 O4 ? B U   4 ? BBB U   4   ? 1_555 74.2  ? 
4  O4 ? A U   4 ? AAA U   4   ? 1_555 BA ? C BA . ? AAA BA 101 ? 1_555 O  ? D HOH . ? BBB HOH 101 ? 1_555 156.6 ? 
5  O6 ? A G   5 ? AAA G   5   ? 1_555 BA ? C BA . ? AAA BA 101 ? 1_555 O  ? D HOH . ? BBB HOH 101 ? 1_555 91.2  ? 
6  O4 ? B U   4 ? BBB U   4   ? 1_555 BA ? C BA . ? AAA BA 101 ? 1_555 O  ? D HOH . ? BBB HOH 101 ? 1_555 64.0  ? 
7  O4 ? A U   4 ? AAA U   4   ? 1_555 BA ? C BA . ? AAA BA 101 ? 1_555 O  ? D HOH . ? BBB HOH 102 ? 1_555 86.1  ? 
8  O6 ? A G   5 ? AAA G   5   ? 1_555 BA ? C BA . ? AAA BA 101 ? 1_555 O  ? D HOH . ? BBB HOH 102 ? 1_555 107.7 ? 
9  O4 ? B U   4 ? BBB U   4   ? 1_555 BA ? C BA . ? AAA BA 101 ? 1_555 O  ? D HOH . ? BBB HOH 102 ? 1_555 63.0  ? 
10 O  ? D HOH . ? BBB HOH 101 ? 1_555 BA ? C BA . ? AAA BA 101 ? 1_555 O  ? D HOH . ? BBB HOH 102 ? 1_555 114.9 ? 
# 
loop_
_pdbx_validate_rmsd_angle.id 
_pdbx_validate_rmsd_angle.PDB_model_num 
_pdbx_validate_rmsd_angle.auth_atom_id_1 
_pdbx_validate_rmsd_angle.auth_asym_id_1 
_pdbx_validate_rmsd_angle.auth_comp_id_1 
_pdbx_validate_rmsd_angle.auth_seq_id_1 
_pdbx_validate_rmsd_angle.PDB_ins_code_1 
_pdbx_validate_rmsd_angle.label_alt_id_1 
_pdbx_validate_rmsd_angle.auth_atom_id_2 
_pdbx_validate_rmsd_angle.auth_asym_id_2 
_pdbx_validate_rmsd_angle.auth_comp_id_2 
_pdbx_validate_rmsd_angle.auth_seq_id_2 
_pdbx_validate_rmsd_angle.PDB_ins_code_2 
_pdbx_validate_rmsd_angle.label_alt_id_2 
_pdbx_validate_rmsd_angle.auth_atom_id_3 
_pdbx_validate_rmsd_angle.auth_asym_id_3 
_pdbx_validate_rmsd_angle.auth_comp_id_3 
_pdbx_validate_rmsd_angle.auth_seq_id_3 
_pdbx_validate_rmsd_angle.PDB_ins_code_3 
_pdbx_validate_rmsd_angle.label_alt_id_3 
_pdbx_validate_rmsd_angle.angle_value 
_pdbx_validate_rmsd_angle.angle_target_value 
_pdbx_validate_rmsd_angle.angle_deviation 
_pdbx_validate_rmsd_angle.angle_standard_deviation 
_pdbx_validate_rmsd_angle.linker_flag 
1 1 "C1'" AAA A 8 ? ? "O4'" AAA A 8 ? ? "C4'" AAA A 8 ? ? 114.90 109.90 5.00 0.80 N 
2 1 "C3'" AAA A 8 ? ? "C2'" AAA A 8 ? ? "C1'" AAA A 8 ? ? 107.39 101.50 5.89 0.80 N 
# 
loop_
_pdbx_refine_tls.id 
_pdbx_refine_tls.pdbx_refine_id 
_pdbx_refine_tls.details 
_pdbx_refine_tls.method 
_pdbx_refine_tls.origin_x 
_pdbx_refine_tls.origin_y 
_pdbx_refine_tls.origin_z 
_pdbx_refine_tls.T[1][1] 
_pdbx_refine_tls.T[1][1]_esd 
_pdbx_refine_tls.T[1][2] 
_pdbx_refine_tls.T[1][2]_esd 
_pdbx_refine_tls.T[1][3] 
_pdbx_refine_tls.T[1][3]_esd 
_pdbx_refine_tls.T[2][2] 
_pdbx_refine_tls.T[2][2]_esd 
_pdbx_refine_tls.T[2][3] 
_pdbx_refine_tls.T[2][3]_esd 
_pdbx_refine_tls.T[3][3] 
_pdbx_refine_tls.T[3][3]_esd 
_pdbx_refine_tls.L[1][1] 
_pdbx_refine_tls.L[1][1]_esd 
_pdbx_refine_tls.L[1][2] 
_pdbx_refine_tls.L[1][2]_esd 
_pdbx_refine_tls.L[1][3] 
_pdbx_refine_tls.L[1][3]_esd 
_pdbx_refine_tls.L[2][2] 
_pdbx_refine_tls.L[2][2]_esd 
_pdbx_refine_tls.L[2][3] 
_pdbx_refine_tls.L[2][3]_esd 
_pdbx_refine_tls.L[3][3] 
_pdbx_refine_tls.L[3][3]_esd 
_pdbx_refine_tls.S[1][1] 
_pdbx_refine_tls.S[1][1]_esd 
_pdbx_refine_tls.S[1][2] 
_pdbx_refine_tls.S[1][2]_esd 
_pdbx_refine_tls.S[1][3] 
_pdbx_refine_tls.S[1][3]_esd 
_pdbx_refine_tls.S[2][1] 
_pdbx_refine_tls.S[2][1]_esd 
_pdbx_refine_tls.S[2][2] 
_pdbx_refine_tls.S[2][2]_esd 
_pdbx_refine_tls.S[2][3] 
_pdbx_refine_tls.S[2][3]_esd 
_pdbx_refine_tls.S[3][1] 
_pdbx_refine_tls.S[3][1]_esd 
_pdbx_refine_tls.S[3][2] 
_pdbx_refine_tls.S[3][2]_esd 
_pdbx_refine_tls.S[3][3] 
_pdbx_refine_tls.S[3][3]_esd 
1 'X-RAY DIFFRACTION' ? refined 1.8651  0.2764  -1.9581 0.1551 ? 0.0011  ? 0.0687 ? 0.4058 ? -0.0693 ? 0.1153 ? 3.5622 ? -0.1119 ? 2.9866 ? 10.4216 ? -2.3177 ? 3.3292 ? -0.1150 ? -0.0848 ? 0.1278 ? -0.1849 ? 0.1223  ? 0.1233 ? -0.0329 ? 0.2688 ? -0.0073 ? 
2 'X-RAY DIFFRACTION' ? refined -1.8212 -0.2405 2.0210  0.1508 ? -0.0050 ? 0.0348 ? 0.3362 ? -0.0729 ? 0.1383 ? 4.8339 ? 2.2508  ? 2.5796 ? 12.8602 ? 0.8354  ? 2.4925 ? 0.0823  ? -0.3386 ? 0.3845 ? 0.1431  ? -0.0677 ? 0.5200 ? 0.1693  ? 0.2915 ? -0.0147 ? 
# 
loop_
_pdbx_refine_tls_group.id 
_pdbx_refine_tls_group.pdbx_refine_id 
_pdbx_refine_tls_group.refine_tls_id 
_pdbx_refine_tls_group.beg_label_asym_id 
_pdbx_refine_tls_group.beg_label_seq_id 
_pdbx_refine_tls_group.beg_auth_asym_id 
_pdbx_refine_tls_group.beg_auth_seq_id 
_pdbx_refine_tls_group.beg_PDB_ins_code 
_pdbx_refine_tls_group.end_label_asym_id 
_pdbx_refine_tls_group.end_label_seq_id 
_pdbx_refine_tls_group.end_auth_asym_id 
_pdbx_refine_tls_group.end_auth_seq_id 
_pdbx_refine_tls_group.end_PDB_ins_code 
_pdbx_refine_tls_group.selection 
_pdbx_refine_tls_group.selection_details 
1 'X-RAY DIFFRACTION' 1 ? ? AAA 1 ? ? ? AAA 8 ? ALL ? 
2 'X-RAY DIFFRACTION' 2 ? ? BBB 1 ? ? ? BBB 8 ? ALL ? 
# 
_pdbx_entry_details.entry_id                 7OUO 
_pdbx_entry_details.has_ligand_of_interest   N 
_pdbx_entry_details.compound_details         ? 
_pdbx_entry_details.source_details           ? 
_pdbx_entry_details.nonpolymer_details       ? 
_pdbx_entry_details.sequence_details         ? 
# 
loop_
_chem_comp_atom.comp_id 
_chem_comp_atom.atom_id 
_chem_comp_atom.type_symbol 
_chem_comp_atom.pdbx_aromatic_flag 
_chem_comp_atom.pdbx_stereo_config 
_chem_comp_atom.pdbx_ordinal 
A   OP3    O  N N 1   
A   P      P  N N 2   
A   OP1    O  N N 3   
A   OP2    O  N N 4   
A   "O5'"  O  N N 5   
A   "C5'"  C  N N 6   
A   "C4'"  C  N R 7   
A   "O4'"  O  N N 8   
A   "C3'"  C  N S 9   
A   "O3'"  O  N N 10  
A   "C2'"  C  N R 11  
A   "O2'"  O  N N 12  
A   "C1'"  C  N R 13  
A   N9     N  Y N 14  
A   C8     C  Y N 15  
A   N7     N  Y N 16  
A   C5     C  Y N 17  
A   C6     C  Y N 18  
A   N6     N  N N 19  
A   N1     N  Y N 20  
A   C2     C  Y N 21  
A   N3     N  Y N 22  
A   C4     C  Y N 23  
A   HOP3   H  N N 24  
A   HOP2   H  N N 25  
A   "H5'"  H  N N 26  
A   "H5''" H  N N 27  
A   "H4'"  H  N N 28  
A   "H3'"  H  N N 29  
A   "HO3'" H  N N 30  
A   "H2'"  H  N N 31  
A   "HO2'" H  N N 32  
A   "H1'"  H  N N 33  
A   H8     H  N N 34  
A   H61    H  N N 35  
A   H62    H  N N 36  
A   H2     H  N N 37  
BA  BA     BA N N 38  
C   OP3    O  N N 39  
C   P      P  N N 40  
C   OP1    O  N N 41  
C   OP2    O  N N 42  
C   "O5'"  O  N N 43  
C   "C5'"  C  N N 44  
C   "C4'"  C  N R 45  
C   "O4'"  O  N N 46  
C   "C3'"  C  N S 47  
C   "O3'"  O  N N 48  
C   "C2'"  C  N R 49  
C   "O2'"  O  N N 50  
C   "C1'"  C  N R 51  
C   N1     N  N N 52  
C   C2     C  N N 53  
C   O2     O  N N 54  
C   N3     N  N N 55  
C   C4     C  N N 56  
C   N4     N  N N 57  
C   C5     C  N N 58  
C   C6     C  N N 59  
C   HOP3   H  N N 60  
C   HOP2   H  N N 61  
C   "H5'"  H  N N 62  
C   "H5''" H  N N 63  
C   "H4'"  H  N N 64  
C   "H3'"  H  N N 65  
C   "HO3'" H  N N 66  
C   "H2'"  H  N N 67  
C   "HO2'" H  N N 68  
C   "H1'"  H  N N 69  
C   H41    H  N N 70  
C   H42    H  N N 71  
C   H5     H  N N 72  
C   H6     H  N N 73  
G   OP3    O  N N 74  
G   P      P  N N 75  
G   OP1    O  N N 76  
G   OP2    O  N N 77  
G   "O5'"  O  N N 78  
G   "C5'"  C  N N 79  
G   "C4'"  C  N R 80  
G   "O4'"  O  N N 81  
G   "C3'"  C  N S 82  
G   "O3'"  O  N N 83  
G   "C2'"  C  N R 84  
G   "O2'"  O  N N 85  
G   "C1'"  C  N R 86  
G   N9     N  Y N 87  
G   C8     C  Y N 88  
G   N7     N  Y N 89  
G   C5     C  Y N 90  
G   C6     C  N N 91  
G   O6     O  N N 92  
G   N1     N  N N 93  
G   C2     C  N N 94  
G   N2     N  N N 95  
G   N3     N  N N 96  
G   C4     C  Y N 97  
G   HOP3   H  N N 98  
G   HOP2   H  N N 99  
G   "H5'"  H  N N 100 
G   "H5''" H  N N 101 
G   "H4'"  H  N N 102 
G   "H3'"  H  N N 103 
G   "HO3'" H  N N 104 
G   "H2'"  H  N N 105 
G   "HO2'" H  N N 106 
G   "H1'"  H  N N 107 
G   H8     H  N N 108 
G   H1     H  N N 109 
G   H21    H  N N 110 
G   H22    H  N N 111 
HOH O      O  N N 112 
HOH H1     H  N N 113 
HOH H2     H  N N 114 
U   OP3    O  N N 115 
U   P      P  N N 116 
U   OP1    O  N N 117 
U   OP2    O  N N 118 
U   "O5'"  O  N N 119 
U   "C5'"  C  N N 120 
U   "C4'"  C  N R 121 
U   "O4'"  O  N N 122 
U   "C3'"  C  N S 123 
U   "O3'"  O  N N 124 
U   "C2'"  C  N R 125 
U   "O2'"  O  N N 126 
U   "C1'"  C  N R 127 
U   N1     N  N N 128 
U   C2     C  N N 129 
U   O2     O  N N 130 
U   N3     N  N N 131 
U   C4     C  N N 132 
U   O4     O  N N 133 
U   C5     C  N N 134 
U   C6     C  N N 135 
U   HOP3   H  N N 136 
U   HOP2   H  N N 137 
U   "H5'"  H  N N 138 
U   "H5''" H  N N 139 
U   "H4'"  H  N N 140 
U   "H3'"  H  N N 141 
U   "HO3'" H  N N 142 
U   "H2'"  H  N N 143 
U   "HO2'" H  N N 144 
U   "H1'"  H  N N 145 
U   H3     H  N N 146 
U   H5     H  N N 147 
U   H6     H  N N 148 
# 
loop_
_chem_comp_bond.comp_id 
_chem_comp_bond.atom_id_1 
_chem_comp_bond.atom_id_2 
_chem_comp_bond.value_order 
_chem_comp_bond.pdbx_aromatic_flag 
_chem_comp_bond.pdbx_stereo_config 
_chem_comp_bond.pdbx_ordinal 
A   OP3   P      sing N N 1   
A   OP3   HOP3   sing N N 2   
A   P     OP1    doub N N 3   
A   P     OP2    sing N N 4   
A   P     "O5'"  sing N N 5   
A   OP2   HOP2   sing N N 6   
A   "O5'" "C5'"  sing N N 7   
A   "C5'" "C4'"  sing N N 8   
A   "C5'" "H5'"  sing N N 9   
A   "C5'" "H5''" sing N N 10  
A   "C4'" "O4'"  sing N N 11  
A   "C4'" "C3'"  sing N N 12  
A   "C4'" "H4'"  sing N N 13  
A   "O4'" "C1'"  sing N N 14  
A   "C3'" "O3'"  sing N N 15  
A   "C3'" "C2'"  sing N N 16  
A   "C3'" "H3'"  sing N N 17  
A   "O3'" "HO3'" sing N N 18  
A   "C2'" "O2'"  sing N N 19  
A   "C2'" "C1'"  sing N N 20  
A   "C2'" "H2'"  sing N N 21  
A   "O2'" "HO2'" sing N N 22  
A   "C1'" N9     sing N N 23  
A   "C1'" "H1'"  sing N N 24  
A   N9    C8     sing Y N 25  
A   N9    C4     sing Y N 26  
A   C8    N7     doub Y N 27  
A   C8    H8     sing N N 28  
A   N7    C5     sing Y N 29  
A   C5    C6     sing Y N 30  
A   C5    C4     doub Y N 31  
A   C6    N6     sing N N 32  
A   C6    N1     doub Y N 33  
A   N6    H61    sing N N 34  
A   N6    H62    sing N N 35  
A   N1    C2     sing Y N 36  
A   C2    N3     doub Y N 37  
A   C2    H2     sing N N 38  
A   N3    C4     sing Y N 39  
C   OP3   P      sing N N 40  
C   OP3   HOP3   sing N N 41  
C   P     OP1    doub N N 42  
C   P     OP2    sing N N 43  
C   P     "O5'"  sing N N 44  
C   OP2   HOP2   sing N N 45  
C   "O5'" "C5'"  sing N N 46  
C   "C5'" "C4'"  sing N N 47  
C   "C5'" "H5'"  sing N N 48  
C   "C5'" "H5''" sing N N 49  
C   "C4'" "O4'"  sing N N 50  
C   "C4'" "C3'"  sing N N 51  
C   "C4'" "H4'"  sing N N 52  
C   "O4'" "C1'"  sing N N 53  
C   "C3'" "O3'"  sing N N 54  
C   "C3'" "C2'"  sing N N 55  
C   "C3'" "H3'"  sing N N 56  
C   "O3'" "HO3'" sing N N 57  
C   "C2'" "O2'"  sing N N 58  
C   "C2'" "C1'"  sing N N 59  
C   "C2'" "H2'"  sing N N 60  
C   "O2'" "HO2'" sing N N 61  
C   "C1'" N1     sing N N 62  
C   "C1'" "H1'"  sing N N 63  
C   N1    C2     sing N N 64  
C   N1    C6     sing N N 65  
C   C2    O2     doub N N 66  
C   C2    N3     sing N N 67  
C   N3    C4     doub N N 68  
C   C4    N4     sing N N 69  
C   C4    C5     sing N N 70  
C   N4    H41    sing N N 71  
C   N4    H42    sing N N 72  
C   C5    C6     doub N N 73  
C   C5    H5     sing N N 74  
C   C6    H6     sing N N 75  
G   OP3   P      sing N N 76  
G   OP3   HOP3   sing N N 77  
G   P     OP1    doub N N 78  
G   P     OP2    sing N N 79  
G   P     "O5'"  sing N N 80  
G   OP2   HOP2   sing N N 81  
G   "O5'" "C5'"  sing N N 82  
G   "C5'" "C4'"  sing N N 83  
G   "C5'" "H5'"  sing N N 84  
G   "C5'" "H5''" sing N N 85  
G   "C4'" "O4'"  sing N N 86  
G   "C4'" "C3'"  sing N N 87  
G   "C4'" "H4'"  sing N N 88  
G   "O4'" "C1'"  sing N N 89  
G   "C3'" "O3'"  sing N N 90  
G   "C3'" "C2'"  sing N N 91  
G   "C3'" "H3'"  sing N N 92  
G   "O3'" "HO3'" sing N N 93  
G   "C2'" "O2'"  sing N N 94  
G   "C2'" "C1'"  sing N N 95  
G   "C2'" "H2'"  sing N N 96  
G   "O2'" "HO2'" sing N N 97  
G   "C1'" N9     sing N N 98  
G   "C1'" "H1'"  sing N N 99  
G   N9    C8     sing Y N 100 
G   N9    C4     sing Y N 101 
G   C8    N7     doub Y N 102 
G   C8    H8     sing N N 103 
G   N7    C5     sing Y N 104 
G   C5    C6     sing N N 105 
G   C5    C4     doub Y N 106 
G   C6    O6     doub N N 107 
G   C6    N1     sing N N 108 
G   N1    C2     sing N N 109 
G   N1    H1     sing N N 110 
G   C2    N2     sing N N 111 
G   C2    N3     doub N N 112 
G   N2    H21    sing N N 113 
G   N2    H22    sing N N 114 
G   N3    C4     sing N N 115 
HOH O     H1     sing N N 116 
HOH O     H2     sing N N 117 
U   OP3   P      sing N N 118 
U   OP3   HOP3   sing N N 119 
U   P     OP1    doub N N 120 
U   P     OP2    sing N N 121 
U   P     "O5'"  sing N N 122 
U   OP2   HOP2   sing N N 123 
U   "O5'" "C5'"  sing N N 124 
U   "C5'" "C4'"  sing N N 125 
U   "C5'" "H5'"  sing N N 126 
U   "C5'" "H5''" sing N N 127 
U   "C4'" "O4'"  sing N N 128 
U   "C4'" "C3'"  sing N N 129 
U   "C4'" "H4'"  sing N N 130 
U   "O4'" "C1'"  sing N N 131 
U   "C3'" "O3'"  sing N N 132 
U   "C3'" "C2'"  sing N N 133 
U   "C3'" "H3'"  sing N N 134 
U   "O3'" "HO3'" sing N N 135 
U   "C2'" "O2'"  sing N N 136 
U   "C2'" "C1'"  sing N N 137 
U   "C2'" "H2'"  sing N N 138 
U   "O2'" "HO2'" sing N N 139 
U   "C1'" N1     sing N N 140 
U   "C1'" "H1'"  sing N N 141 
U   N1    C2     sing N N 142 
U   N1    C6     sing N N 143 
U   C2    O2     doub N N 144 
U   C2    N3     sing N N 145 
U   N3    C4     sing N N 146 
U   N3    H3     sing N N 147 
U   C4    O4     doub N N 148 
U   C4    C5     sing N N 149 
U   C5    C6     doub N N 150 
U   C5    H5     sing N N 151 
U   C6    H6     sing N N 152 
# 
loop_
_ndb_struct_conf_na.entry_id 
_ndb_struct_conf_na.feature 
7OUO 'double helix'        
7OUO 'a-form double helix' 
# 
loop_
_ndb_struct_na_base_pair.model_number 
_ndb_struct_na_base_pair.i_label_asym_id 
_ndb_struct_na_base_pair.i_label_comp_id 
_ndb_struct_na_base_pair.i_label_seq_id 
_ndb_struct_na_base_pair.i_symmetry 
_ndb_struct_na_base_pair.j_label_asym_id 
_ndb_struct_na_base_pair.j_label_comp_id 
_ndb_struct_na_base_pair.j_label_seq_id 
_ndb_struct_na_base_pair.j_symmetry 
_ndb_struct_na_base_pair.shear 
_ndb_struct_na_base_pair.stretch 
_ndb_struct_na_base_pair.stagger 
_ndb_struct_na_base_pair.buckle 
_ndb_struct_na_base_pair.propeller 
_ndb_struct_na_base_pair.opening 
_ndb_struct_na_base_pair.pair_number 
_ndb_struct_na_base_pair.pair_name 
_ndb_struct_na_base_pair.i_auth_asym_id 
_ndb_struct_na_base_pair.i_auth_seq_id 
_ndb_struct_na_base_pair.i_PDB_ins_code 
_ndb_struct_na_base_pair.j_auth_asym_id 
_ndb_struct_na_base_pair.j_auth_seq_id 
_ndb_struct_na_base_pair.j_PDB_ins_code 
_ndb_struct_na_base_pair.hbond_type_28 
_ndb_struct_na_base_pair.hbond_type_12 
1 A U 1 1_555 B A 8 1_555 0.023  0.053  0.225  6.971  -9.750  3.894  1 AAA_U1:A8_BBB AAA 1 ? BBB 8 ? 20 1 
1 A C 2 1_555 B G 7 1_555 0.623  -0.217 -0.085 5.802  -13.173 0.510  2 AAA_C2:G7_BBB AAA 2 ? BBB 7 ? 19 1 
1 A G 3 1_555 B C 6 1_555 0.262  -0.099 -0.019 -3.733 -15.119 1.692  3 AAA_G3:C6_BBB AAA 3 ? BBB 6 ? 19 1 
1 A U 4 1_555 B G 5 1_555 2.370  -0.698 0.105  0.352  -11.467 -1.835 4 AAA_U4:G5_BBB AAA 4 ? BBB 5 ? 28 1 
1 A G 5 1_555 B U 4 1_555 -2.222 -0.620 0.168  -2.122 -13.796 4.470  5 AAA_G5:U4_BBB AAA 5 ? BBB 4 ? 28 1 
1 A C 6 1_555 B G 3 1_555 -0.112 -0.186 0.302  -1.238 -12.867 1.515  6 AAA_C6:G3_BBB AAA 6 ? BBB 3 ? 19 1 
1 A G 7 1_555 B C 2 1_555 -0.432 -0.303 0.308  -2.998 -14.485 0.607  7 AAA_G7:C2_BBB AAA 7 ? BBB 2 ? 19 1 
1 A A 8 1_555 B U 1 1_555 0.018  -0.363 -0.004 -4.491 -13.123 0.053  8 AAA_A8:U1_BBB AAA 8 ? BBB 1 ? 20 1 
# 
loop_
_ndb_struct_na_base_pair_step.model_number 
_ndb_struct_na_base_pair_step.i_label_asym_id_1 
_ndb_struct_na_base_pair_step.i_label_comp_id_1 
_ndb_struct_na_base_pair_step.i_label_seq_id_1 
_ndb_struct_na_base_pair_step.i_symmetry_1 
_ndb_struct_na_base_pair_step.j_label_asym_id_1 
_ndb_struct_na_base_pair_step.j_label_comp_id_1 
_ndb_struct_na_base_pair_step.j_label_seq_id_1 
_ndb_struct_na_base_pair_step.j_symmetry_1 
_ndb_struct_na_base_pair_step.i_label_asym_id_2 
_ndb_struct_na_base_pair_step.i_label_comp_id_2 
_ndb_struct_na_base_pair_step.i_label_seq_id_2 
_ndb_struct_na_base_pair_step.i_symmetry_2 
_ndb_struct_na_base_pair_step.j_label_asym_id_2 
_ndb_struct_na_base_pair_step.j_label_comp_id_2 
_ndb_struct_na_base_pair_step.j_label_seq_id_2 
_ndb_struct_na_base_pair_step.j_symmetry_2 
_ndb_struct_na_base_pair_step.shift 
_ndb_struct_na_base_pair_step.slide 
_ndb_struct_na_base_pair_step.rise 
_ndb_struct_na_base_pair_step.tilt 
_ndb_struct_na_base_pair_step.roll 
_ndb_struct_na_base_pair_step.twist 
_ndb_struct_na_base_pair_step.x_displacement 
_ndb_struct_na_base_pair_step.y_displacement 
_ndb_struct_na_base_pair_step.helical_rise 
_ndb_struct_na_base_pair_step.inclination 
_ndb_struct_na_base_pair_step.tip 
_ndb_struct_na_base_pair_step.helical_twist 
_ndb_struct_na_base_pair_step.step_number 
_ndb_struct_na_base_pair_step.step_name 
_ndb_struct_na_base_pair_step.i_auth_asym_id_1 
_ndb_struct_na_base_pair_step.i_auth_seq_id_1 
_ndb_struct_na_base_pair_step.i_PDB_ins_code_1 
_ndb_struct_na_base_pair_step.j_auth_asym_id_1 
_ndb_struct_na_base_pair_step.j_auth_seq_id_1 
_ndb_struct_na_base_pair_step.j_PDB_ins_code_1 
_ndb_struct_na_base_pair_step.i_auth_asym_id_2 
_ndb_struct_na_base_pair_step.i_auth_seq_id_2 
_ndb_struct_na_base_pair_step.i_PDB_ins_code_2 
_ndb_struct_na_base_pair_step.j_auth_asym_id_2 
_ndb_struct_na_base_pair_step.j_auth_seq_id_2 
_ndb_struct_na_base_pair_step.j_PDB_ins_code_2 
1 A U 1 1_555 B A 8 1_555 A C 2 1_555 B G 7 1_555 -0.096 -1.552 3.260 1.598  3.818  33.730 -3.249  0.412  3.064 6.550  -2.742 
33.975 1 AAAAAA_U1C2:G7A8_BBBBBB AAA 1 ? BBB 8 ? AAA 2 ? BBB 7 ? 
1 A C 2 1_555 B G 7 1_555 A G 3 1_555 B C 6 1_555 -0.466 -1.621 3.270 -1.515 15.055 31.545 -4.752  0.570  2.302 25.910 2.608  
34.902 2 AAAAAA_C2G3:C6G7_BBBBBB AAA 2 ? BBB 7 ? AAA 3 ? BBB 6 ? 
1 A G 3 1_555 B C 6 1_555 A U 4 1_555 B G 5 1_555 -0.279 -1.180 3.133 0.889  9.089  38.670 -2.710  0.506  2.789 13.497 -1.320 
39.694 3 AAAAAA_G3U4:G5C6_BBBBBB AAA 3 ? BBB 6 ? AAA 4 ? BBB 5 ? 
1 A U 4 1_555 B G 5 1_555 A G 5 1_555 B U 4 1_555 0.988  -2.394 2.917 2.860  15.258 14.528 -10.340 -1.960 0.423 46.342 -8.688 
21.231 4 AAAAAA_U4G5:U4G5_BBBBBB AAA 4 ? BBB 5 ? AAA 5 ? BBB 4 ? 
1 A G 5 1_555 B U 4 1_555 A C 6 1_555 B G 3 1_555 -0.256 -1.245 3.219 -2.258 5.031  39.745 -2.368  0.124  3.055 7.356  3.301  
40.111 5 AAAAAA_G5C6:G3U4_BBBBBB AAA 5 ? BBB 4 ? AAA 6 ? BBB 3 ? 
1 A C 6 1_555 B G 3 1_555 A G 7 1_555 B C 2 1_555 0.139  -1.925 3.060 0.082  10.551 28.264 -5.497  -0.254 2.214 20.716 -0.160 
30.132 6 AAAAAA_C6G7:C2G3_BBBBBB AAA 6 ? BBB 3 ? AAA 7 ? BBB 2 ? 
1 A G 7 1_555 B C 2 1_555 A A 8 1_555 B U 1 1_555 -0.208 -1.268 3.303 3.442  2.082  36.602 -2.290  0.794  3.196 3.302  -5.460 
36.815 7 AAAAAA_G7A8:U1C2_BBBBBB AAA 7 ? BBB 2 ? AAA 8 ? BBB 1 ? 
# 
_pdbx_audit_support.funding_organization   'National Science Foundation (NSF, United States)' 
_pdbx_audit_support.country                'United States' 
_pdbx_audit_support.grant_number           CHE-1845486 
_pdbx_audit_support.ordinal                1 
# 
_pdbx_initial_refinement_model.accession_code   ? 
_pdbx_initial_refinement_model.id               1 
_pdbx_initial_refinement_model.entity_id_list   ? 
_pdbx_initial_refinement_model.type             other 
_pdbx_initial_refinement_model.source_name      ? 
_pdbx_initial_refinement_model.details          'model generated by Coot' 
# 
_atom_sites.entry_id                    7OUO 
_atom_sites.Cartn_transf_matrix[1][1]   ? 
_atom_sites.Cartn_transf_matrix[1][2]   ? 
_atom_sites.Cartn_transf_matrix[1][3]   ? 
_atom_sites.Cartn_transf_matrix[2][1]   ? 
_atom_sites.Cartn_transf_matrix[2][2]   ? 
_atom_sites.Cartn_transf_matrix[2][3]   ? 
_atom_sites.Cartn_transf_matrix[3][1]   ? 
_atom_sites.Cartn_transf_matrix[3][2]   ? 
_atom_sites.Cartn_transf_matrix[3][3]   ? 
_atom_sites.Cartn_transf_vector[1]      ? 
_atom_sites.Cartn_transf_vector[2]      ? 
_atom_sites.Cartn_transf_vector[3]      ? 
_atom_sites.fract_transf_matrix[1][1]   -0.01885873 
_atom_sites.fract_transf_matrix[1][2]   0.01713594 
_atom_sites.fract_transf_matrix[1][3]   0.00627212 
_atom_sites.fract_transf_matrix[2][1]   -0.02286601 
_atom_sites.fract_transf_matrix[2][2]   -0.00036190 
_atom_sites.fract_transf_matrix[2][3]   -0.01286875 
_atom_sites.fract_transf_matrix[3][1]   -0.00299218 
_atom_sites.fract_transf_matrix[3][2]   -0.00529352 
_atom_sites.fract_transf_matrix[3][3]   0.00546557 
_atom_sites.fract_transf_vector[1]      0.382578 
_atom_sites.fract_transf_vector[2]      0.452355 
_atom_sites.fract_transf_vector[3]      -0.082484 
_atom_sites.solution_primary            ? 
_atom_sites.solution_secondary          ? 
_atom_sites.solution_hydrogens          ? 
_atom_sites.special_details             ? 
# 
loop_
_atom_type.symbol 
_atom_type.pdbx_scat_Z 
_atom_type.pdbx_N_electrons 
_atom_type.scat_Cromer_Mann_a1 
_atom_type.scat_Cromer_Mann_b1 
_atom_type.scat_Cromer_Mann_a2 
_atom_type.scat_Cromer_Mann_b2 
_atom_type.scat_Cromer_Mann_a3 
_atom_type.scat_Cromer_Mann_b3 
_atom_type.scat_Cromer_Mann_a4 
_atom_type.scat_Cromer_Mann_b4 
_atom_type.scat_Cromer_Mann_c 
BA 56 56 20.340 3.216  19.300 0.276  10.890 20.207 2.696 167.202 2.470   
C  6  6  2.310  20.844 1.020  10.208 1.589  0.569  0.865 51.651  0.216   
H  1  1  0.493  10.511 0.323  26.126 0.140  3.142  0.041 57.800  0.003   
N  7  7  12.222 0.006  3.135  9.893  2.014  28.997 1.167 0.583   -11.538 
O  8  8  3.049  13.277 2.287  5.701  1.546  0.324  0.867 32.909  0.251   
P  15 15 6.435  1.907  4.179  27.157 1.780  0.526  1.491 68.164  1.273   
# 
loop_
_atom_site.group_PDB 
_atom_site.id 
_atom_site.type_symbol 
_atom_site.label_atom_id 
_atom_site.label_alt_id 
_atom_site.label_comp_id 
_atom_site.label_asym_id 
_atom_site.label_entity_id 
_atom_site.label_seq_id 
_atom_site.pdbx_PDB_ins_code 
_atom_site.Cartn_x 
_atom_site.Cartn_y 
_atom_site.Cartn_z 
_atom_site.occupancy 
_atom_site.B_iso_or_equiv 
_atom_site.pdbx_formal_charge 
_atom_site.auth_seq_id 
_atom_site.auth_comp_id 
_atom_site.auth_asym_id 
_atom_site.auth_atom_id 
_atom_site.pdbx_PDB_model_num 
_atom_site.calc_flag 
_atom_site.pdbx_tls_group_id 
ATOM   1   O  "O5'" . U   A 1 1 ? 5.574   -0.123  9.746   1.000 108.049 0 1   U   AAA "O5'" 1 ? 1 
ATOM   2   C  "C5'" . U   A 1 1 ? 6.758   -0.552  10.404  1.000 104.731 0 1   U   AAA "C5'" 1 ? 1 
ATOM   3   C  "C4'" . U   A 1 1 ? 7.052   -2.005  10.129  1.000 103.916 0 1   U   AAA "C4'" 1 ? 1 
ATOM   4   O  "O4'" . U   A 1 1 ? 6.006   -2.821  10.714  1.000 105.502 0 1   U   AAA "O4'" 1 ? 1 
ATOM   5   C  "C3'" . U   A 1 1 ? 7.061   -2.420  8.666   1.000 103.227 0 1   U   AAA "C3'" 1 ? 1 
ATOM   6   O  "O3'" . U   A 1 1 ? 8.308   -2.156  8.000   1.000 113.179 0 1   U   AAA "O3'" 1 ? 1 
ATOM   7   C  "C2'" . U   A 1 1 ? 6.740   -3.906  8.751   1.000 98.063  0 1   U   AAA "C2'" 1 ? 1 
ATOM   8   O  "O2'" . U   A 1 1 ? 7.845   -4.701  9.141   1.000 98.891  0 1   U   AAA "O2'" 1 ? 1 
ATOM   9   C  "C1'" . U   A 1 1 ? 5.694   -3.900  9.862   1.000 92.136  0 1   U   AAA "C1'" 1 ? 1 
ATOM   10  N  N1    . U   A 1 1 ? 4.301   -3.756  9.364   1.000 80.808  0 1   U   AAA N1    1 ? 1 
ATOM   11  C  C2    . U   A 1 1 ? 3.706   -4.897  8.862   1.000 79.060  0 1   U   AAA C2    1 ? 1 
ATOM   12  O  O2    . U   A 1 1 ? 4.306   -5.946  8.703   1.000 78.064  0 1   U   AAA O2    1 ? 1 
ATOM   13  N  N3    . U   A 1 1 ? 2.382   -4.757  8.522   1.000 78.125  0 1   U   AAA N3    1 ? 1 
ATOM   14  C  C4    . U   A 1 1 ? 1.625   -3.603  8.583   1.000 80.354  0 1   U   AAA C4    1 ? 1 
ATOM   15  O  O4    . U   A 1 1 ? 0.452   -3.614  8.210   1.000 80.824  0 1   U   AAA O4    1 ? 1 
ATOM   16  C  C5    . U   A 1 1 ? 2.317   -2.465  9.110   1.000 79.041  0 1   U   AAA C5    1 ? 1 
ATOM   17  C  C6    . U   A 1 1 ? 3.597   -2.582  9.477   1.000 79.628  0 1   U   AAA C6    1 ? 1 
ATOM   18  P  P     . C   A 1 2 ? 8.200   -1.713  6.463   1.000 93.924  0 2   C   AAA P     1 ? 1 
ATOM   19  O  OP1   . C   A 1 2 ? 9.538   -1.196  6.108   1.000 104.061 0 2   C   AAA OP1   1 ? 1 
ATOM   20  O  OP2   . C   A 1 2 ? 6.986   -0.883  6.264   1.000 96.251  0 2   C   AAA OP2   1 ? 1 
ATOM   21  O  "O5'" . C   A 1 2 ? 7.881   -3.091  5.729   1.000 86.661  0 2   C   AAA "O5'" 1 ? 1 
ATOM   22  C  "C5'" . C   A 1 2 ? 8.824   -4.172  5.824   1.000 78.473  0 2   C   AAA "C5'" 1 ? 1 
ATOM   23  C  "C4'" . C   A 1 2 ? 8.172   -5.443  5.341   1.000 80.200  0 2   C   AAA "C4'" 1 ? 1 
ATOM   24  O  "O4'" . C   A 1 2 ? 6.971   -5.704  6.110   1.000 80.130  0 2   C   AAA "O4'" 1 ? 1 
ATOM   25  C  "C3'" . C   A 1 2 ? 7.667   -5.451  3.908   1.000 81.061  0 2   C   AAA "C3'" 1 ? 1 
ATOM   26  O  "O3'" . C   A 1 2 ? 8.749   -5.644  2.980   1.000 90.625  0 2   C   AAA "O3'" 1 ? 1 
ATOM   27  C  "C2'" . C   A 1 2 ? 6.703   -6.630  3.953   1.000 84.874  0 2   C   AAA "C2'" 1 ? 1 
ATOM   28  O  "O2'" . C   A 1 2 ? 7.373   -7.877  3.979   1.000 83.961  0 2   C   AAA "O2'" 1 ? 1 
ATOM   29  C  "C1'" . C   A 1 2 ? 6.036   -6.382  5.302   1.000 75.579  0 2   C   AAA "C1'" 1 ? 1 
ATOM   30  N  N1    . C   A 1 2 ? 4.806   -5.554  5.200   1.000 68.714  0 2   C   AAA N1    1 ? 1 
ATOM   31  C  C2    . C   A 1 2 ? 3.646   -6.208  4.784   1.000 76.166  0 2   C   AAA C2    1 ? 1 
ATOM   32  O  O2    . C   A 1 2 ? 3.721   -7.400  4.449   1.000 71.898  0 2   C   AAA O2    1 ? 1 
ATOM   33  N  N3    . C   A 1 2 ? 2.476   -5.528  4.762   1.000 73.886  0 2   C   AAA N3    1 ? 1 
ATOM   34  C  C4    . C   A 1 2 ? 2.448   -4.236  5.106   1.000 80.991  0 2   C   AAA C4    1 ? 1 
ATOM   35  N  N4    . C   A 1 2 ? 1.289   -3.589  5.027   1.000 80.701  0 2   C   AAA N4    1 ? 1 
ATOM   36  C  C5    . C   A 1 2 ? 3.624   -3.548  5.521   1.000 80.389  0 2   C   AAA C5    1 ? 1 
ATOM   37  C  C6    . C   A 1 2 ? 4.770   -4.236  5.553   1.000 68.716  0 2   C   AAA C6    1 ? 1 
ATOM   38  P  P     . G   A 1 3 ? 8.571   -4.971  1.536   1.000 89.405  0 3   G   AAA P     1 ? 1 
ATOM   39  O  OP1   . G   A 1 3 ? 9.941   -4.948  0.981   1.000 104.181 0 3   G   AAA OP1   1 ? 1 
ATOM   40  O  OP2   . G   A 1 3 ? 7.774   -3.724  1.646   1.000 83.029  0 3   G   AAA OP2   1 ? 1 
ATOM   41  O  "O5'" . G   A 1 3 ? 7.616   -5.965  0.737   1.000 82.372  0 3   G   AAA "O5'" 1 ? 1 
ATOM   42  C  "C5'" . G   A 1 3 ? 8.046   -7.312  0.480   1.000 82.062  0 3   G   AAA "C5'" 1 ? 1 
ATOM   43  C  "C4'" . G   A 1 3 ? 6.902   -8.057  -0.161  1.000 75.697  0 3   G   AAA "C4'" 1 ? 1 
ATOM   44  O  "O4'" . G   A 1 3 ? 5.815   -8.157  0.792   1.000 79.457  0 3   G   AAA "O4'" 1 ? 1 
ATOM   45  C  "C3'" . G   A 1 3 ? 6.270   -7.368  -1.360  1.000 80.892  0 3   G   AAA "C3'" 1 ? 1 
ATOM   46  O  "O3'" . G   A 1 3 ? 7.097   -7.603  -2.514  1.000 79.576  0 3   G   AAA "O3'" 1 ? 1 
ATOM   47  C  "C2'" . G   A 1 3 ? 4.882   -7.996  -1.365  1.000 73.687  0 3   G   AAA "C2'" 1 ? 1 
ATOM   48  O  "O2'" . G   A 1 3 ? 5.030   -9.355  -1.736  1.000 70.160  0 3   G   AAA "O2'" 1 ? 1 
ATOM   49  C  "C1'" . G   A 1 3 ? 4.576   -8.075  0.126   1.000 70.567  0 3   G   AAA "C1'" 1 ? 1 
ATOM   50  N  N9    . G   A 1 3 ? 3.817   -6.907  0.647   1.000 61.193  0 3   G   AAA N9    1 ? 1 
ATOM   51  C  C8    . G   A 1 3 ? 4.341   -5.845  1.345   1.000 65.624  0 3   G   AAA C8    1 ? 1 
ATOM   52  N  N7    . G   A 1 3 ? 3.456   -4.923  1.627   1.000 58.846  0 3   G   AAA N7    1 ? 1 
ATOM   53  C  C5    . G   A 1 3 ? 2.268   -5.433  1.124   1.000 60.393  0 3   G   AAA C5    1 ? 1 
ATOM   54  C  C6    . G   A 1 3 ? 0.948   -4.920  1.201   1.000 58.546  0 3   G   AAA C6    1 ? 1 
ATOM   55  O  O6    . G   A 1 3 ? 0.567   -3.837  1.664   1.000 63.194  0 3   G   AAA O6    1 ? 1 
ATOM   56  N  N1    . G   A 1 3 ? 0.051   -5.737  0.518   1.000 61.043  0 3   G   AAA N1    1 ? 1 
ATOM   57  C  C2    . G   A 1 3 ? 0.367   -6.901  -0.136  1.000 65.299  0 3   G   AAA C2    1 ? 1 
ATOM   58  N  N2    . G   A 1 3 ? -0.643  -7.531  -0.750  1.000 62.677  0 3   G   AAA N2    1 ? 1 
ATOM   59  N  N3    . G   A 1 3 ? 1.591   -7.413  -0.173  1.000 63.325  0 3   G   AAA N3    1 ? 1 
ATOM   60  C  C4    . G   A 1 3 ? 2.487   -6.620  0.457   1.000 64.119  0 3   G   AAA C4    1 ? 1 
ATOM   61  P  P     . U   A 1 4 ? 7.120   -6.486  -3.663  1.000 85.536  0 4   U   AAA P     1 ? 1 
ATOM   62  O  OP1   . U   A 1 4 ? 7.932   -7.114  -4.735  1.000 96.958  0 4   U   AAA OP1   1 ? 1 
ATOM   63  O  OP2   . U   A 1 4 ? 7.496   -5.182  -3.079  1.000 86.199  0 4   U   AAA OP2   1 ? 1 
ATOM   64  O  "O5'" . U   A 1 4 ? 5.631   -6.261  -4.189  1.000 78.517  0 4   U   AAA "O5'" 1 ? 1 
ATOM   65  C  "C5'" . U   A 1 4 ? 5.101   -7.254  -5.082  1.000 77.128  0 4   U   AAA "C5'" 1 ? 1 
ATOM   66  C  "C4'" . U   A 1 4 ? 3.627   -7.057  -5.333  1.000 68.777  0 4   U   AAA "C4'" 1 ? 1 
ATOM   67  O  "O4'" . U   A 1 4 ? 2.911   -7.064  -4.073  1.000 64.759  0 4   U   AAA "O4'" 1 ? 1 
ATOM   68  C  "C3'" . U   A 1 4 ? 3.297   -5.699  -5.929  1.000 71.758  0 4   U   AAA "C3'" 1 ? 1 
ATOM   69  O  "O3'" . U   A 1 4 ? 3.492   -5.644  -7.352  1.000 68.499  0 4   U   AAA "O3'" 1 ? 1 
ATOM   70  C  "C2'" . U   A 1 4 ? 1.832   -5.543  -5.541  1.000 68.501  0 4   U   AAA "C2'" 1 ? 1 
ATOM   71  O  "O2'" . U   A 1 4 ? 1.055   -6.207  -6.522  1.000 69.194  0 4   U   AAA "O2'" 1 ? 1 
ATOM   72  C  "C1'" . U   A 1 4 ? 1.823   -6.168  -4.149  1.000 66.812  0 4   U   AAA "C1'" 1 ? 1 
ATOM   73  N  N1    . U   A 1 4 ? 1.989   -5.136  -3.096  1.000 60.362  0 4   U   AAA N1    1 ? 1 
ATOM   74  C  C2    . U   A 1 4 ? 0.846   -4.449  -2.741  1.000 65.232  0 4   U   AAA C2    1 ? 1 
ATOM   75  O  O2    . U   A 1 4 ? -0.256  -4.700  -3.199  1.000 68.474  0 4   U   AAA O2    1 ? 1 
ATOM   76  N  N3    . U   A 1 4 ? 1.019   -3.483  -1.781  1.000 63.259  0 4   U   AAA N3    1 ? 1 
ATOM   77  C  C4    . U   A 1 4 ? 2.211   -3.098  -1.200  1.000 63.321  0 4   U   AAA C4    1 ? 1 
ATOM   78  O  O4    . U   A 1 4 ? 2.194   -2.179  -0.379  1.000 55.687  0 4   U   AAA O4    1 ? 1 
ATOM   79  C  C5    . U   A 1 4 ? 3.359   -3.807  -1.682  1.000 63.769  0 4   U   AAA C5    1 ? 1 
ATOM   80  C  C6    . U   A 1 4 ? 3.217   -4.772  -2.596  1.000 59.930  0 4   U   AAA C6    1 ? 1 
ATOM   81  P  P     . G   A 1 5 ? 3.907   -4.200  -7.912  1.000 83.361  0 5   G   AAA P     1 ? 1 
ATOM   82  O  OP1   . G   A 1 5 ? 4.464   -4.479  -9.252  1.000 78.917  0 5   G   AAA OP1   1 ? 1 
ATOM   83  O  OP2   . G   A 1 5 ? 4.843   -3.543  -6.965  1.000 82.340  0 5   G   AAA OP2   1 ? 1 
ATOM   84  O  "O5'" . G   A 1 5 ? 2.610   -3.275  -7.925  1.000 67.016  0 5   G   AAA "O5'" 1 ? 1 
ATOM   85  C  "C5'" . G   A 1 5 ? 1.529   -3.639  -8.799  1.000 79.221  0 5   G   AAA "C5'" 1 ? 1 
ATOM   86  C  "C4'" . G   A 1 5 ? 0.176   -3.041  -8.507  1.000 77.107  0 5   G   AAA "C4'" 1 ? 1 
ATOM   87  O  "O4'" . G   A 1 5 ? -0.222  -3.271  -7.132  1.000 73.670  0 5   G   AAA "O4'" 1 ? 1 
ATOM   88  C  "C3'" . G   A 1 5 ? 0.034   -1.532  -8.628  1.000 80.362  0 5   G   AAA "C3'" 1 ? 1 
ATOM   89  O  "O3'" . G   A 1 5 ? -0.026  -1.075  -9.990  1.000 84.609  0 5   G   AAA "O3'" 1 ? 1 
ATOM   90  C  "C2'" . G   A 1 5 ? -1.300  -1.322  -7.925  1.000 78.809  0 5   G   AAA "C2'" 1 ? 1 
ATOM   91  O  "O2'" . G   A 1 5 ? -2.416  -1.761  -8.679  1.000 83.589  0 5   G   AAA "O2'" 1 ? 1 
ATOM   92  C  "C1'" . G   A 1 5 ? -1.170  -2.298  -6.759  1.000 75.177  0 5   G   AAA "C1'" 1 ? 1 
ATOM   93  N  N9    . G   A 1 5 ? -0.690  -1.620  -5.527  1.000 72.593  0 5   G   AAA N9    1 ? 1 
ATOM   94  C  C8    . G   A 1 5 ? 0.566   -1.684  -4.973  1.000 72.897  0 5   G   AAA C8    1 ? 1 
ATOM   95  N  N7    . G   A 1 5 ? 0.698   -0.938  -3.906  1.000 72.803  0 5   G   AAA N7    1 ? 1 
ATOM   96  C  C5    . G   A 1 5 ? -0.567  -0.400  -3.713  1.000 65.863  0 5   G   AAA C5    1 ? 1 
ATOM   97  C  C6    . G   A 1 5 ? -1.046  0.467   -2.698  1.000 68.417  0 5   G   AAA C6    1 ? 1 
ATOM   98  O  O6    . G   A 1 5 ? -0.413  0.966   -1.759  1.000 73.755  0 5   G   AAA O6    1 ? 1 
ATOM   99  N  N1    . G   A 1 5 ? -2.382  0.799   -2.905  1.000 59.387  0 5   G   AAA N1    1 ? 1 
ATOM   100 C  C2    . G   A 1 5 ? -3.166  0.347   -3.937  1.000 59.523  0 5   G   AAA C2    1 ? 1 
ATOM   101 N  N2    . G   A 1 5 ? -4.432  0.781   -3.971  1.000 71.902  0 5   G   AAA N2    1 ? 1 
ATOM   102 N  N3    . G   A 1 5 ? -2.737  -0.491  -4.872  1.000 63.287  0 5   G   AAA N3    1 ? 1 
ATOM   103 C  C4    . G   A 1 5 ? -1.432  -0.805  -4.708  1.000 64.018  0 5   G   AAA C4    1 ? 1 
ATOM   104 P  P     . C   A 1 6 ? 0.481   0.395   -10.378 1.000 82.358  0 6   C   AAA P     1 ? 1 
ATOM   105 O  OP1   . C   A 1 6 ? 0.235   0.447   -11.840 1.000 72.712  0 6   C   AAA OP1   1 ? 1 
ATOM   106 O  OP2   . C   A 1 6 ? 1.772   0.691   -9.721  1.000 75.922  0 6   C   AAA OP2   1 ? 1 
ATOM   107 O  "O5'" . C   A 1 6 ? -0.569  1.330   -9.625  1.000 73.641  0 6   C   AAA "O5'" 1 ? 1 
ATOM   108 C  "C5'" . C   A 1 6 ? -1.835  1.501   -10.285 1.000 74.864  0 6   C   AAA "C5'" 1 ? 1 
ATOM   109 C  "C4'" . C   A 1 6 ? -2.779  2.306   -9.429  1.000 70.519  0 6   C   AAA "C4'" 1 ? 1 
ATOM   110 O  "O4'" . C   A 1 6 ? -2.903  1.704   -8.117  1.000 66.808  0 6   C   AAA "O4'" 1 ? 1 
ATOM   111 C  "C3'" . C   A 1 6 ? -2.301  3.712   -9.102  1.000 68.791  0 6   C   AAA "C3'" 1 ? 1 
ATOM   112 O  "O3'" . C   A 1 6 ? -2.441  4.517   -10.286 1.000 79.585  0 6   C   AAA "O3'" 1 ? 1 
ATOM   113 C  "C2'" . C   A 1 6 ? -3.192  4.041   -7.911  1.000 66.213  0 6   C   AAA "C2'" 1 ? 1 
ATOM   114 O  "O2'" . C   A 1 6 ? -4.467  4.348   -8.444  1.000 69.309  0 6   C   AAA "O2'" 1 ? 1 
ATOM   115 C  "C1'" . C   A 1 6 ? -3.083  2.720   -7.156  1.000 65.634  0 6   C   AAA "C1'" 1 ? 1 
ATOM   116 N  N1    . C   A 1 6 ? -1.919  2.708   -6.235  1.000 62.118  0 6   C   AAA N1    1 ? 1 
ATOM   117 C  C2    . C   A 1 6 ? -2.024  3.524   -5.109  1.000 62.033  0 6   C   AAA C2    1 ? 1 
ATOM   118 O  O2    . C   A 1 6 ? -3.093  4.120   -4.907  1.000 76.467  0 6   C   AAA O2    1 ? 1 
ATOM   119 N  N3    . C   A 1 6 ? -0.986  3.584   -4.242  1.000 60.576  0 6   C   AAA N3    1 ? 1 
ATOM   120 C  C4    . C   A 1 6 ? 0.143   2.917   -4.502  1.000 63.508  0 6   C   AAA C4    1 ? 1 
ATOM   121 N  N4    . C   A 1 6 ? 1.138   3.026   -3.627  1.000 67.420  0 6   C   AAA N4    1 ? 1 
ATOM   122 C  C5    . C   A 1 6 ? 0.318   2.188   -5.714  1.000 58.580  0 6   C   AAA C5    1 ? 1 
ATOM   123 C  C6    . C   A 1 6 ? -0.728  2.114   -6.543  1.000 64.664  0 6   C   AAA C6    1 ? 1 
ATOM   124 P  P     . G   A 1 7 ? -1.462  5.779   -10.435 1.000 73.748  0 7   G   AAA P     1 ? 1 
ATOM   125 O  OP1   . G   A 1 7 ? -1.760  6.319   -11.777 1.000 70.352  0 7   G   AAA OP1   1 ? 1 
ATOM   126 O  OP2   . G   A 1 7 ? -0.074  5.412   -10.060 1.000 71.375  0 7   G   AAA OP2   1 ? 1 
ATOM   127 O  "O5'" . G   A 1 7 ? -1.953  6.699   -9.229  1.000 64.430  0 7   G   AAA "O5'" 1 ? 1 
ATOM   128 C  "C5'" . G   A 1 7 ? -3.239  7.339   -9.277  1.000 67.613  0 7   G   AAA "C5'" 1 ? 1 
ATOM   129 C  "C4'" . G   A 1 7 ? -3.459  8.072   -7.978  1.000 73.188  0 7   G   AAA "C4'" 1 ? 1 
ATOM   130 O  "O4'" . G   A 1 7 ? -3.208  7.152   -6.886  1.000 74.412  0 7   G   AAA "O4'" 1 ? 1 
ATOM   131 C  "C3'" . G   A 1 7 ? -2.521  9.226   -7.662  1.000 76.701  0 7   G   AAA "C3'" 1 ? 1 
ATOM   132 O  "O3'" . G   A 1 7 ? -2.827  10.445  -8.361  1.000 84.160  0 7   G   AAA "O3'" 1 ? 1 
ATOM   133 C  "C2'" . G   A 1 7 ? -2.702  9.343   -6.155  1.000 78.246  0 7   G   AAA "C2'" 1 ? 1 
ATOM   134 O  "O2'" . G   A 1 7 ? -3.955  9.877   -5.766  1.000 86.156  0 7   G   AAA "O2'" 1 ? 1 
ATOM   135 C  "C1'" . G   A 1 7 ? -2.724  7.867   -5.771  1.000 72.294  0 7   G   AAA "C1'" 1 ? 1 
ATOM   136 N  N9    . G   A 1 7 ? -1.388  7.332   -5.398  1.000 64.077  0 7   G   AAA N9    1 ? 1 
ATOM   137 C  C8    . G   A 1 7 ? -0.557  6.451   -6.048  1.000 65.614  0 7   G   AAA C8    1 ? 1 
ATOM   138 N  N7    . G   A 1 7 ? 0.542   6.196   -5.386  1.000 65.246  0 7   G   AAA N7    1 ? 1 
ATOM   139 C  C5    . G   A 1 7 ? 0.399   6.904   -4.201  1.000 65.024  0 7   G   AAA C5    1 ? 1 
ATOM   140 C  C6    . G   A 1 7 ? 1.265   7.021   -3.085  1.000 68.643  0 7   G   AAA C6    1 ? 1 
ATOM   141 O  O6    . G   A 1 7 ? 2.355   6.463   -2.902  1.000 75.905  0 7   G   AAA O6    1 ? 1 
ATOM   142 N  N1    . G   A 1 7 ? 0.772   7.920   -2.145  1.000 65.107  0 7   G   AAA N1    1 ? 1 
ATOM   143 C  C2    . G   A 1 7 ? -0.395  8.632   -2.259  1.000 69.765  0 7   G   AAA C2    1 ? 1 
ATOM   144 N  N2    . G   A 1 7 ? -0.728  9.439   -1.244  1.000 70.911  0 7   G   AAA N2    1 ? 1 
ATOM   145 N  N3    . G   A 1 7 ? -1.206  8.545   -3.306  1.000 65.417  0 7   G   AAA N3    1 ? 1 
ATOM   146 C  C4    . G   A 1 7 ? -0.763  7.648   -4.216  1.000 62.168  0 7   G   AAA C4    1 ? 1 
ATOM   147 P  P     . A   A 1 8 ? -1.648  11.461  -8.750  1.000 81.486  0 8   A   AAA P     1 ? 1 
ATOM   148 O  OP1   . A   A 1 8 ? -2.231  12.313  -9.807  1.000 76.393  0 8   A   AAA OP1   1 ? 1 
ATOM   149 O  OP2   . A   A 1 8 ? -0.384  10.733  -9.023  1.000 80.862  0 8   A   AAA OP2   1 ? 1 
ATOM   150 O  "O5'" . A   A 1 8 ? -1.328  12.221  -7.386  1.000 83.089  0 8   A   AAA "O5'" 1 ? 1 
ATOM   151 C  "C5'" . A   A 1 8 ? -2.322  13.022  -6.727  1.000 85.825  0 8   A   AAA "C5'" 1 ? 1 
ATOM   152 C  "C4'" . A   A 1 8 ? -1.996  13.427  -5.311  1.000 80.649  0 8   A   AAA "C4'" 1 ? 1 
ATOM   153 O  "O4'" . A   A 1 8 ? -1.553  12.271  -4.556  1.000 79.311  0 8   A   AAA "O4'" 1 ? 1 
ATOM   154 C  "C3'" . A   A 1 8 ? -0.880  14.459  -5.123  1.000 76.371  0 8   A   AAA "C3'" 1 ? 1 
ATOM   155 O  "O3'" . A   A 1 8 ? -1.529  15.674  -4.785  1.000 81.471  0 8   A   AAA "O3'" 1 ? 1 
ATOM   156 C  "C2'" . A   A 1 8 ? -0.088  13.968  -3.918  1.000 80.966  0 8   A   AAA "C2'" 1 ? 1 
ATOM   157 O  "O2'" . A   A 1 8 ? -0.399  14.638  -2.714  1.000 85.357  0 8   A   AAA "O2'" 1 ? 1 
ATOM   158 C  "C1'" . A   A 1 8 ? -0.469  12.510  -3.686  1.000 79.393  0 8   A   AAA "C1'" 1 ? 1 
ATOM   159 N  N9    . A   A 1 8 ? 0.620   11.552  -3.999  1.000 76.863  0 8   A   AAA N9    1 ? 1 
ATOM   160 C  C8    . A   A 1 8 ? 0.826   10.851  -5.157  1.000 75.980  0 8   A   AAA C8    1 ? 1 
ATOM   161 N  N7    . A   A 1 8 ? 1.873   10.062  -5.120  1.000 73.595  0 8   A   AAA N7    1 ? 1 
ATOM   162 C  C5    . A   A 1 8 ? 2.387   10.259  -3.845  1.000 67.962  0 8   A   AAA C5    1 ? 1 
ATOM   163 C  C6    . A   A 1 8 ? 3.497   9.711   -3.179  1.000 74.294  0 8   A   AAA C6    1 ? 1 
ATOM   164 N  N6    . A   A 1 8 ? 4.320   8.827   -3.747  1.000 74.341  0 8   A   AAA N6    1 ? 1 
ATOM   165 N  N1    . A   A 1 8 ? 3.763   10.156  -1.930  1.000 73.651  0 8   A   AAA N1    1 ? 1 
ATOM   166 C  C2    . A   A 1 8 ? 2.945   11.063  -1.381  1.000 70.570  0 8   A   AAA C2    1 ? 1 
ATOM   167 N  N3    . A   A 1 8 ? 1.876   11.651  -1.910  1.000 75.400  0 8   A   AAA N3    1 ? 1 
ATOM   168 C  C4    . A   A 1 8 ? 1.655   11.211  -3.164  1.000 70.279  0 8   A   AAA C4    1 ? 1 
ATOM   169 O  "O5'" . U   B 1 1 ? 8.830   6.822   3.378   1.000 87.571  0 1   U   BBB "O5'" 1 ? 2 
ATOM   170 C  "C5'" . U   B 1 1 ? 9.226   7.627   4.480   1.000 81.212  0 1   U   BBB "C5'" 1 ? 2 
ATOM   171 C  "C4'" . U   B 1 1 ? 8.392   8.881   4.405   1.000 80.893  0 1   U   BBB "C4'" 1 ? 2 
ATOM   172 O  "O4'" . U   B 1 1 ? 8.549   9.495   3.100   1.000 76.375  0 1   U   BBB "O4'" 1 ? 2 
ATOM   173 C  "C3'" . U   B 1 1 ? 6.889   8.694   4.534   1.000 77.069  0 1   U   BBB "C3'" 1 ? 2 
ATOM   174 O  "O3'" . U   B 1 1 ? 6.537   8.629   5.927   1.000 92.618  0 1   U   BBB "O3'" 1 ? 2 
ATOM   175 C  "C2'" . U   B 1 1 ? 6.339   9.927   3.831   1.000 74.978  0 1   U   BBB "C2'" 1 ? 2 
ATOM   176 O  "O2'" . U   B 1 1 ? 6.433   11.099  4.621   1.000 75.214  0 1   U   BBB "O2'" 1 ? 2 
ATOM   177 C  "C1'" . U   B 1 1 ? 7.330   10.067  2.681   1.000 69.851  0 1   U   BBB "C1'" 1 ? 2 
ATOM   178 N  N1    . U   B 1 1 ? 6.916   9.321   1.464   1.000 63.336  0 1   U   BBB N1    1 ? 2 
ATOM   179 C  C2    . U   B 1 1 ? 5.941   9.887   0.666   1.000 68.150  0 1   U   BBB C2    1 ? 2 
ATOM   180 O  O2    . U   B 1 1 ? 5.305   10.873  0.997   1.000 71.440  0 1   U   BBB O2    1 ? 2 
ATOM   181 N  N3    . U   B 1 1 ? 5.693   9.201   -0.496  1.000 69.069  0 1   U   BBB N3    1 ? 2 
ATOM   182 C  C4    . U   B 1 1 ? 6.319   8.052   -0.938  1.000 66.677  0 1   U   BBB C4    1 ? 2 
ATOM   183 O  O4    . U   B 1 1 ? 6.021   7.571   -2.031  1.000 64.822  0 1   U   BBB O4    1 ? 2 
ATOM   184 C  C5    . U   B 1 1 ? 7.318   7.532   -0.053  1.000 63.173  0 1   U   BBB C5    1 ? 2 
ATOM   185 C  C6    . U   B 1 1 ? 7.556   8.161   1.102   1.000 64.846  0 1   U   BBB C6    1 ? 2 
ATOM   186 P  P     . C   B 1 2 ? 5.380   7.595   6.329   1.000 86.143  0 2   C   BBB P     1 ? 2 
ATOM   187 O  OP1   . C   B 1 2 ? 5.421   7.574   7.806   1.000 106.554 0 2   C   BBB OP1   1 ? 2 
ATOM   188 O  OP2   . C   B 1 2 ? 5.500   6.338   5.550   1.000 87.716  0 2   C   BBB OP2   1 ? 2 
ATOM   189 O  "O5'" . C   B 1 2 ? 4.063   8.298   5.770   1.000 76.604  0 2   C   BBB "O5'" 1 ? 2 
ATOM   190 C  "C5'" . C   B 1 2 ? 3.713   9.601   6.265   1.000 75.228  0 2   C   BBB "C5'" 1 ? 2 
ATOM   191 C  "C4'" . C   B 1 2 ? 2.632   10.178  5.386   1.000 80.970  0 2   C   BBB "C4'" 1 ? 2 
ATOM   192 O  "O4'" . C   B 1 2 ? 3.172   10.413  4.060   1.000 81.274  0 2   C   BBB "O4'" 1 ? 2 
ATOM   193 C  "C3'" . C   B 1 2 ? 1.436   9.274   5.132   1.000 82.557  0 2   C   BBB "C3'" 1 ? 2 
ATOM   194 O  "O3'" . C   B 1 2 ? 0.478   9.265   6.204   1.000 93.411  0 2   C   BBB "O3'" 1 ? 2 
ATOM   195 C  "C2'" . C   B 1 2 ? 0.880   9.879   3.851   1.000 79.376  0 2   C   BBB "C2'" 1 ? 2 
ATOM   196 O  "O2'" . C   B 1 2 ? 0.318   11.133  4.194   1.000 81.721  0 2   C   BBB "O2'" 1 ? 2 
ATOM   197 C  "C1'" . C   B 1 2 ? 2.174   10.166  3.095   1.000 76.987  0 2   C   BBB "C1'" 1 ? 2 
ATOM   198 N  N1    . C   B 1 2 ? 2.605   9.035   2.234   1.000 68.008  0 2   C   BBB N1    1 ? 2 
ATOM   199 C  C2    . C   B 1 2 ? 1.919   8.875   1.030   1.000 68.161  0 2   C   BBB C2    1 ? 2 
ATOM   200 O  O2    . C   B 1 2 ? 0.986   9.651   0.776   1.000 65.200  0 2   C   BBB O2    1 ? 2 
ATOM   201 N  N3    . C   B 1 2 ? 2.281   7.874   0.195   1.000 59.478  0 2   C   BBB N3    1 ? 2 
ATOM   202 C  C4    . C   B 1 2 ? 3.245   7.018   0.551   1.000 65.671  0 2   C   BBB C4    1 ? 2 
ATOM   203 N  N4    . C   B 1 2 ? 3.570   6.051   -0.303  1.000 70.627  0 2   C   BBB N4    1 ? 2 
ATOM   204 C  C5    . C   B 1 2 ? 3.918   7.131   1.800   1.000 67.793  0 2   C   BBB C5    1 ? 2 
ATOM   205 C  C6    . C   B 1 2 ? 3.590   8.160   2.591   1.000 70.470  0 2   C   BBB C6    1 ? 2 
ATOM   206 P  P     . G   B 1 3 ? -0.369  7.945   6.535   1.000 87.157  0 3   G   BBB P     1 ? 2 
ATOM   207 O  OP1   . G   B 1 3 ? -1.078  8.283   7.795   1.000 104.520 0 3   G   BBB OP1   1 ? 2 
ATOM   208 O  OP2   . G   B 1 3 ? 0.403   6.691   6.413   1.000 84.287  0 3   G   BBB OP2   1 ? 2 
ATOM   209 O  "O5'" . G   B 1 3 ? -1.398  7.890   5.318   1.000 80.002  0 3   G   BBB "O5'" 1 ? 2 
ATOM   210 C  "C5'" . G   B 1 3 ? -2.330  8.980   5.239   1.000 79.600  0 3   G   BBB "C5'" 1 ? 2 
ATOM   211 C  "C4'" . G   B 1 3 ? -3.126  8.817   3.968   1.000 74.520  0 3   G   BBB "C4'" 1 ? 2 
ATOM   212 O  "O4'" . G   B 1 3 ? -2.217  8.946   2.848   1.000 76.455  0 3   G   BBB "O4'" 1 ? 2 
ATOM   213 C  "C3'" . G   B 1 3 ? -3.761  7.455   3.738   1.000 72.568  0 3   G   BBB "C3'" 1 ? 2 
ATOM   214 O  "O3'" . G   B 1 3 ? -4.966  7.241   4.493   1.000 82.958  0 3   G   BBB "O3'" 1 ? 2 
ATOM   215 C  "C2'" . G   B 1 3 ? -3.971  7.483   2.230   1.000 72.905  0 3   G   BBB "C2'" 1 ? 2 
ATOM   216 O  "O2'" . G   B 1 3 ? -5.036  8.292   1.767   1.000 65.106  0 3   G   BBB "O2'" 1 ? 2 
ATOM   217 C  "C1'" . G   B 1 3 ? -2.683  8.161   1.773   1.000 70.262  0 3   G   BBB "C1'" 1 ? 2 
ATOM   218 N  N9    . G   B 1 3 ? -1.640  7.159   1.431   1.000 69.729  0 3   G   BBB N9    1 ? 2 
ATOM   219 C  C8    . G   B 1 3 ? -0.547  6.733   2.148   1.000 76.482  0 3   G   BBB C8    1 ? 2 
ATOM   220 N  N7    . G   B 1 3 ? 0.157   5.825   1.524   1.000 78.701  0 3   G   BBB N7    1 ? 2 
ATOM   221 C  C5    . G   B 1 3 ? -0.514  5.634   0.324   1.000 71.854  0 3   G   BBB C5    1 ? 2 
ATOM   222 C  C6    . G   B 1 3 ? -0.207  4.803   -0.783  1.000 68.368  0 3   G   BBB C6    1 ? 2 
ATOM   223 O  O6    . G   B 1 3 ? 0.704   3.973   -0.904  1.000 65.030  0 3   G   BBB O6    1 ? 2 
ATOM   224 N  N1    . G   B 1 3 ? -1.149  4.942   -1.800  1.000 60.613  0 3   G   BBB N1    1 ? 2 
ATOM   225 C  C2    . G   B 1 3 ? -2.270  5.730   -1.742  1.000 64.467  0 3   G   BBB C2    1 ? 2 
ATOM   226 N  N2    . G   B 1 3 ? -3.084  5.702   -2.803  1.000 63.643  0 3   G   BBB N2    1 ? 2 
ATOM   227 N  N3    . G   B 1 3 ? -2.563  6.520   -0.717  1.000 63.836  0 3   G   BBB N3    1 ? 2 
ATOM   228 C  C4    . G   B 1 3 ? -1.646  6.420   0.271   1.000 69.041  0 3   G   BBB C4    1 ? 2 
ATOM   229 P  P     . U   B 1 4 ? -5.388  5.786   5.017   1.000 82.012  0 4   U   BBB P     1 ? 2 
ATOM   230 O  OP1   . U   B 1 4 ? -6.593  6.064   5.837   1.000 89.913  0 4   U   BBB OP1   1 ? 2 
ATOM   231 O  OP2   . U   B 1 4 ? -4.260  5.001   5.561   1.000 72.672  0 4   U   BBB OP2   1 ? 2 
ATOM   232 O  "O5'" . U   B 1 4 ? -5.803  4.985   3.703   1.000 76.508  0 4   U   BBB "O5'" 1 ? 2 
ATOM   233 C  "C5'" . U   B 1 4 ? -6.890  5.502   2.919   1.000 76.350  0 4   U   BBB "C5'" 1 ? 2 
ATOM   234 C  "C4'" . U   B 1 4 ? -6.859  4.789   1.590   1.000 77.376  0 4   U   BBB "C4'" 1 ? 2 
ATOM   235 O  "O4'" . U   B 1 4 ? -5.616  5.095   0.909   1.000 74.199  0 4   U   BBB "O4'" 1 ? 2 
ATOM   236 C  "C3'" . U   B 1 4 ? -6.867  3.270   1.648   1.000 75.112  0 4   U   BBB "C3'" 1 ? 2 
ATOM   237 O  "O3'" . U   B 1 4 ? -8.166  2.688   1.853   1.000 76.587  0 4   U   BBB "O3'" 1 ? 2 
ATOM   238 C  "C2'" . U   B 1 4 ? -6.328  2.940   0.262   1.000 78.684  0 4   U   BBB "C2'" 1 ? 2 
ATOM   239 O  "O2'" . U   B 1 4 ? -7.363  3.129   -0.687  1.000 74.104  0 4   U   BBB "O2'" 1 ? 2 
ATOM   240 C  "C1'" . U   B 1 4 ? -5.222  3.982   0.136   1.000 73.852  0 4   U   BBB "C1'" 1 ? 2 
ATOM   241 N  N1    . U   B 1 4 ? -3.910  3.485   0.622   1.000 66.962  0 4   U   BBB N1    1 ? 2 
ATOM   242 C  C2    . U   B 1 4 ? -3.170  2.725   -0.263  1.000 69.971  0 4   U   BBB C2    1 ? 2 
ATOM   243 O  O2    . U   B 1 4 ? -3.597  2.378   -1.350  1.000 64.562  0 4   U   BBB O2    1 ? 2 
ATOM   244 N  N3    . U   B 1 4 ? -1.942  2.322   0.202   1.000 66.945  0 4   U   BBB N3    1 ? 2 
ATOM   245 C  C4    . U   B 1 4 ? -1.401  2.576   1.447   1.000 71.298  0 4   U   BBB C4    1 ? 2 
ATOM   246 O  O4    . U   B 1 4 ? -0.333  2.054   1.768   1.000 78.707  0 4   U   BBB O4    1 ? 2 
ATOM   247 C  C5    . U   B 1 4 ? -2.218  3.392   2.293   1.000 69.278  0 4   U   BBB C5    1 ? 2 
ATOM   248 C  C6    . U   B 1 4 ? -3.412  3.811   1.860   1.000 69.021  0 4   U   BBB C6    1 ? 2 
ATOM   249 P  P     . G   B 1 5 ? -8.398  1.199   2.397   1.000 82.514  0 5   G   BBB P     1 ? 2 
ATOM   250 O  OP1   . G   B 1 5 ? -9.738  1.207   3.019   1.000 84.360  0 5   G   BBB OP1   1 ? 2 
ATOM   251 O  OP2   . G   B 1 5 ? -7.241  0.730   3.202   1.000 72.012  0 5   G   BBB OP2   1 ? 2 
ATOM   252 O  "O5'" . G   B 1 5 ? -8.373  0.212   1.145   1.000 68.674  0 5   G   BBB "O5'" 1 ? 2 
ATOM   253 C  "C5'" . G   B 1 5 ? -9.290  0.419   0.059   1.000 73.419  0 5   G   BBB "C5'" 1 ? 2 
ATOM   254 C  "C4'" . G   B 1 5 ? -8.991  -0.592  -1.020  1.000 69.150  0 5   G   BBB "C4'" 1 ? 2 
ATOM   255 O  "O4'" . G   B 1 5 ? -7.767  -0.217  -1.703  1.000 68.302  0 5   G   BBB "O4'" 1 ? 2 
ATOM   256 C  "C3'" . G   B 1 5 ? -8.698  -2.011  -0.559  1.000 67.922  0 5   G   BBB "C3'" 1 ? 2 
ATOM   257 O  "O3'" . G   B 1 5 ? -9.881  -2.747  -0.202  1.000 77.614  0 5   G   BBB "O3'" 1 ? 2 
ATOM   258 C  "C2'" . G   B 1 5 ? -7.973  -2.575  -1.773  1.000 71.106  0 5   G   BBB "C2'" 1 ? 2 
ATOM   259 O  "O2'" . G   B 1 5 ? -8.806  -2.987  -2.842  1.000 76.407  0 5   G   BBB "O2'" 1 ? 2 
ATOM   260 C  "C1'" . G   B 1 5 ? -7.137  -1.375  -2.203  1.000 66.148  0 5   G   BBB "C1'" 1 ? 2 
ATOM   261 N  N9    . G   B 1 5 ? -5.767  -1.419  -1.632  1.000 59.463  0 5   G   BBB N9    1 ? 2 
ATOM   262 C  C8    . G   B 1 5 ? -5.249  -0.722  -0.566  1.000 62.215  0 5   G   BBB C8    1 ? 2 
ATOM   263 N  N7    . G   B 1 5 ? -3.996  -1.006  -0.326  1.000 66.244  0 5   G   BBB N7    1 ? 2 
ATOM   264 C  C5    . G   B 1 5 ? -3.647  -1.885  -1.343  1.000 61.003  0 5   G   BBB C5    1 ? 2 
ATOM   265 C  C6    . G   B 1 5 ? -2.411  -2.522  -1.619  1.000 63.984  0 5   G   BBB C6    1 ? 2 
ATOM   266 O  O6    . G   B 1 5 ? -1.354  -2.446  -0.978  1.000 73.190  0 5   G   BBB O6    1 ? 2 
ATOM   267 N  N1    . G   B 1 5 ? -2.529  -3.417  -2.679  1.000 64.256  0 5   G   BBB N1    1 ? 2 
ATOM   268 C  C2    . G   B 1 5 ? -3.650  -3.590  -3.452  1.000 67.288  0 5   G   BBB C2    1 ? 2 
ATOM   269 N  N2    . G   B 1 5 ? -3.556  -4.447  -4.476  1.000 70.792  0 5   G   BBB N2    1 ? 2 
ATOM   270 N  N3    . G   B 1 5 ? -4.806  -2.982  -3.217  1.000 62.162  0 5   G   BBB N3    1 ? 2 
ATOM   271 C  C4    . G   B 1 5 ? -4.741  -2.189  -2.124  1.000 61.878  0 5   G   BBB C4    1 ? 2 
ATOM   272 P  P     . C   B 1 6 ? -9.831  -3.912  0.897   1.000 74.159  0 6   C   BBB P     1 ? 2 
ATOM   273 O  OP1   . C   B 1 6 ? -11.237 -4.386  0.934   1.000 90.162  0 6   C   BBB OP1   1 ? 2 
ATOM   274 O  OP2   . C   B 1 6 ? -9.125  -3.528  2.138   1.000 76.823  0 6   C   BBB OP2   1 ? 2 
ATOM   275 O  "O5'" . C   B 1 6 ? -8.877  -5.036  0.292   1.000 77.084  0 6   C   BBB "O5'" 1 ? 2 
ATOM   276 C  "C5'" . C   B 1 6 ? -9.338  -5.874  -0.781  1.000 76.957  0 6   C   BBB "C5'" 1 ? 2 
ATOM   277 C  "C4'" . C   B 1 6 ? -8.150  -6.669  -1.262  1.000 74.198  0 6   C   BBB "C4'" 1 ? 2 
ATOM   278 O  "O4'" . C   B 1 6 ? -7.085  -5.764  -1.652  1.000 65.952  0 6   C   BBB "O4'" 1 ? 2 
ATOM   279 C  "C3'" . C   B 1 6 ? -7.456  -7.540  -0.228  1.000 72.844  0 6   C   BBB "C3'" 1 ? 2 
ATOM   280 O  "O3'" . C   B 1 6 ? -8.126  -8.768  0.102   1.000 71.445  0 6   C   BBB "O3'" 1 ? 2 
ATOM   281 C  "C2'" . C   B 1 6 ? -6.138  -7.811  -0.943  1.000 66.468  0 6   C   BBB "C2'" 1 ? 2 
ATOM   282 O  "O2'" . C   B 1 6 ? -6.411  -8.836  -1.880  1.000 66.004  0 6   C   BBB "O2'" 1 ? 2 
ATOM   283 C  "C1'" . C   B 1 6 ? -5.850  -6.430  -1.522  1.000 64.836  0 6   C   BBB "C1'" 1 ? 2 
ATOM   284 N  N1    . C   B 1 6 ? -4.959  -5.631  -0.643  1.000 58.678  0 6   C   BBB N1    1 ? 2 
ATOM   285 C  C2    . C   B 1 6 ? -3.599  -5.940  -0.644  1.000 61.325  0 6   C   BBB C2    1 ? 2 
ATOM   286 O  O2    . C   B 1 6 ? -3.181  -6.848  -1.379  1.000 67.575  0 6   C   BBB O2    1 ? 2 
ATOM   287 N  N3    . C   B 1 6 ? -2.767  -5.246  0.167   1.000 62.370  0 6   C   BBB N3    1 ? 2 
ATOM   288 C  C4    . C   B 1 6 ? -3.256  -4.340  1.019   1.000 62.086  0 6   C   BBB C4    1 ? 2 
ATOM   289 N  N4    . C   B 1 6 ? -2.391  -3.714  1.810   1.000 57.221  0 6   C   BBB N4    1 ? 2 
ATOM   290 C  C5    . C   B 1 6 ? -4.649  -4.050  1.078   1.000 54.631  0 6   C   BBB C5    1 ? 2 
ATOM   291 C  C6    . C   B 1 6 ? -5.454  -4.718  0.244   1.000 58.971  0 6   C   BBB C6    1 ? 2 
ATOM   292 P  P     . G   B 1 7 ? -8.009  -9.345  1.594   1.000 79.356  0 7   G   BBB P     1 ? 2 
ATOM   293 O  OP1   . G   B 1 7 ? -8.932  -10.506 1.620   1.000 75.965  0 7   G   BBB OP1   1 ? 2 
ATOM   294 O  OP2   . G   B 1 7 ? -8.169  -8.290  2.617   1.000 61.205  0 7   G   BBB OP2   1 ? 2 
ATOM   295 O  "O5'" . G   B 1 7 ? -6.505  -9.867  1.679   1.000 68.850  0 7   G   BBB "O5'" 1 ? 2 
ATOM   296 C  "C5'" . G   B 1 7 ? -6.250  -11.048 0.901   1.000 71.004  0 7   G   BBB "C5'" 1 ? 2 
ATOM   297 C  "C4'" . G   B 1 7 ? -4.775  -11.364 0.919   1.000 72.574  0 7   G   BBB "C4'" 1 ? 2 
ATOM   298 O  "O4'" . G   B 1 7 ? -4.021  -10.223 0.437   1.000 70.684  0 7   G   BBB "O4'" 1 ? 2 
ATOM   299 C  "C3'" . G   B 1 7 ? -4.175  -11.624 2.291   1.000 74.103  0 7   G   BBB "C3'" 1 ? 2 
ATOM   300 O  "O3'" . G   B 1 7 ? -4.482  -12.953 2.746   1.000 78.873  0 7   G   BBB "O3'" 1 ? 2 
ATOM   301 C  "C2'" . G   B 1 7 ? -2.695  -11.399 2.010   1.000 71.021  0 7   G   BBB "C2'" 1 ? 2 
ATOM   302 O  "O2'" . G   B 1 7 ? -2.122  -12.490 1.313   1.000 75.835  0 7   G   BBB "O2'" 1 ? 2 
ATOM   303 C  "C1'" . G   B 1 7 ? -2.768  -10.192 1.082   1.000 67.977  0 7   G   BBB "C1'" 1 ? 2 
ATOM   304 N  N9    . G   B 1 7 ? -2.694  -8.920  1.847   1.000 69.026  0 7   G   BBB N9    1 ? 2 
ATOM   305 C  C8    . G   B 1 7 ? -3.655  -8.005  2.211   1.000 67.861  0 7   G   BBB C8    1 ? 2 
ATOM   306 N  N7    . G   B 1 7 ? -3.177  -7.011  2.915   1.000 68.074  0 7   G   BBB N7    1 ? 2 
ATOM   307 C  C5    . G   B 1 7 ? -1.821  -7.286  3.020   1.000 63.336  0 7   G   BBB C5    1 ? 2 
ATOM   308 C  C6    . G   B 1 7 ? -0.773  -6.542  3.618   1.000 58.064  0 7   G   BBB C6    1 ? 2 
ATOM   309 O  O6    . G   B 1 7 ? -0.843  -5.478  4.247   1.000 69.683  0 7   G   BBB O6    1 ? 2 
ATOM   310 N  N1    . G   B 1 7 ? 0.445   -7.208  3.518   1.000 66.614  0 7   G   BBB N1    1 ? 2 
ATOM   311 C  C2    . G   B 1 7 ? 0.654   -8.391  2.856   1.000 76.740  0 7   G   BBB C2    1 ? 2 
ATOM   312 N  N2    . G   B 1 7 ? 1.904   -8.867  2.878   1.000 82.034  0 7   G   BBB N2    1 ? 2 
ATOM   313 N  N3    . G   B 1 7 ? -0.316  -9.092  2.283   1.000 66.716  0 7   G   BBB N3    1 ? 2 
ATOM   314 C  C4    . G   B 1 7 ? -1.517  -8.483  2.405   1.000 68.844  0 7   G   BBB C4    1 ? 2 
ATOM   315 P  P     . A   B 1 8 ? -4.358  -13.373 4.288   1.000 80.035  0 8   A   BBB P     1 ? 2 
ATOM   316 O  OP1   . A   B 1 8 ? -4.664  -14.825 4.309   1.000 78.885  0 8   A   BBB OP1   1 ? 2 
ATOM   317 O  OP2   . A   B 1 8 ? -5.057  -12.405 5.161   1.000 77.707  0 8   A   BBB OP2   1 ? 2 
ATOM   318 O  "O5'" . A   B 1 8 ? -2.812  -13.138 4.599   1.000 73.088  0 8   A   BBB "O5'" 1 ? 2 
ATOM   319 C  "C5'" . A   B 1 8 ? -1.913  -14.153 4.122   1.000 80.959  0 8   A   BBB "C5'" 1 ? 2 
ATOM   320 C  "C4'" . A   B 1 8 ? -0.495  -13.789 4.479   1.000 84.382  0 8   A   BBB "C4'" 1 ? 2 
ATOM   321 O  "O4'" . A   B 1 8 ? -0.253  -12.404 4.121   1.000 83.629  0 8   A   BBB "O4'" 1 ? 2 
ATOM   322 C  "C3'" . A   B 1 8 ? -0.126  -13.894 5.950   1.000 88.568  0 8   A   BBB "C3'" 1 ? 2 
ATOM   323 O  "O3'" . A   B 1 8 ? 0.406   -15.173 6.228   1.000 101.413 0 8   A   BBB "O3'" 1 ? 2 
ATOM   324 C  "C2'" . A   B 1 8 ? 0.860   -12.757 6.177   1.000 93.337  0 8   A   BBB "C2'" 1 ? 2 
ATOM   325 O  "O2'" . A   B 1 8 ? 2.191   -13.220 6.041   1.000 92.893  0 8   A   BBB "O2'" 1 ? 2 
ATOM   326 C  "C1'" . A   B 1 8 ? 0.560   -11.751 5.070   1.000 86.312  0 8   A   BBB "C1'" 1 ? 2 
ATOM   327 N  N9    . A   B 1 8 ? -0.130  -10.530 5.559   1.000 83.447  0 8   A   BBB N9    1 ? 2 
ATOM   328 C  C8    . A   B 1 8 ? -1.449  -10.181 5.434   1.000 79.581  0 8   A   BBB C8    1 ? 2 
ATOM   329 N  N7    . A   B 1 8 ? -1.739  -9.007  5.938   1.000 76.874  0 8   A   BBB N7    1 ? 2 
ATOM   330 C  C5    . A   B 1 8 ? -0.529  -8.560  6.451   1.000 75.726  0 8   A   BBB C5    1 ? 2 
ATOM   331 C  C6    . A   B 1 8 ? -0.166  -7.385  7.133   1.000 75.584  0 8   A   BBB C6    1 ? 2 
ATOM   332 N  N6    . A   B 1 8 ? -1.011  -6.394  7.422   1.000 84.969  0 8   A   BBB N6    1 ? 2 
ATOM   333 N  N1    . A   B 1 8 ? 1.130   -7.245  7.497   1.000 72.384  0 8   A   BBB N1    1 ? 2 
ATOM   334 C  C2    . A   B 1 8 ? 1.992   -8.220  7.181   1.000 73.550  0 8   A   BBB C2    1 ? 2 
ATOM   335 N  N3    . A   B 1 8 ? 1.764   -9.381  6.575   1.000 73.130  0 8   A   BBB N3    1 ? 2 
ATOM   336 C  C4    . A   B 1 8 ? 0.470   -9.485  6.218   1.000 79.794  0 8   A   BBB C4    1 ? 2 
HETATM 337 BA BA    . BA  C 2 . ? 1.772   0.456   0.490   0.700 101.869 0 101 BA  AAA BA    1 ? ? 
HETATM 338 O  O     . HOH D 3 . ? 2.275   3.202   0.706   1.000 54.514  0 101 HOH BBB O     1 ? ? 
HETATM 339 O  O     . HOH D 3 . ? 0.397   -0.751  2.825   1.000 48.278  0 102 HOH BBB O     1 ? ? 
# 
loop_
_atom_site_anisotrop.id 
_atom_site_anisotrop.type_symbol 
_atom_site_anisotrop.pdbx_label_atom_id 
_atom_site_anisotrop.pdbx_label_alt_id 
_atom_site_anisotrop.pdbx_label_comp_id 
_atom_site_anisotrop.pdbx_label_asym_id 
_atom_site_anisotrop.pdbx_label_seq_id 
_atom_site_anisotrop.pdbx_PDB_ins_code 
_atom_site_anisotrop.U[1][1] 
_atom_site_anisotrop.U[2][2] 
_atom_site_anisotrop.U[3][3] 
_atom_site_anisotrop.U[1][2] 
_atom_site_anisotrop.U[1][3] 
_atom_site_anisotrop.U[2][3] 
_atom_site_anisotrop.pdbx_auth_seq_id 
_atom_site_anisotrop.pdbx_auth_comp_id 
_atom_site_anisotrop.pdbx_auth_asym_id 
_atom_site_anisotrop.pdbx_auth_atom_id 
1   O "O5'" . U A 1 ? 1.4735 1.5247 1.1078 0.0204  -0.0302 -0.0913 1 U AAA "O5'" 
2   C "C5'" . U A 1 ? 1.4454 1.4675 1.0670 0.0103  -0.0767 -0.0843 1 U AAA "C5'" 
3   C "C4'" . U A 1 ? 1.4079 1.4651 1.0750 0.0068  -0.0785 -0.0685 1 U AAA "C4'" 
4   O "O4'" . U A 1 ? 1.4500 1.4949 1.0642 0.0118  -0.0499 -0.0608 1 U AAA "O4'" 
5   C "C3'" . U A 1 ? 1.3438 1.4700 1.1082 0.0078  -0.0579 -0.0654 1 U AAA "C3'" 
6   O "O3'" . U A 1 ? 1.4356 1.5898 1.2746 0.0021  -0.0820 -0.0630 1 U AAA "O3'" 
7   C "C2'" . U A 1 ? 1.2727 1.4099 1.0424 0.0094  -0.0501 -0.0528 1 U AAA "C2'" 
8   O "O2'" . U A 1 ? 1.2806 1.4081 1.0693 0.0043  -0.0892 -0.0447 1 U AAA "O2'" 
9   C "C1'" . U A 1 ? 1.2419 1.3380 0.9211 0.0118  -0.0320 -0.0507 1 U AAA "C1'" 
10  N N1    . U A 1 ? 1.0880 1.2089 0.7741 0.0187  0.0148  -0.0508 1 U AAA N1    
11  C C2    . U A 1 ? 1.0430 1.1937 0.7673 0.0176  0.0285  -0.0365 1 U AAA C2    
12  O O2    . U A 1 ? 1.0197 1.1765 0.7708 0.0140  0.0060  -0.0278 1 U AAA O2    
13  N N3    . U A 1 ? 1.0206 1.1904 0.7580 0.0223  0.0660  -0.0315 1 U AAA N3    
14  C C4    . U A 1 ? 1.0539 1.2216 0.7764 0.0312  0.0931  -0.0411 1 U AAA C4    
15  O O4    . U A 1 ? 1.0417 1.2328 0.7965 0.0343  0.1227  -0.0330 1 U AAA O4    
16  C C5    . U A 1 ? 1.0650 1.1982 0.7409 0.0340  0.0783  -0.0592 1 U AAA C5    
17  C C6    . U A 1 ? 1.0858 1.1954 0.7438 0.0272  0.0381  -0.0623 1 U AAA C6    
18  P P     . C A 2 ? 1.1522 1.3587 1.0581 0.0046  -0.0524 -0.0663 2 C AAA P     
19  O OP1   . C A 2 ? 1.2524 1.4788 1.2228 -0.0035 -0.0765 -0.0602 2 C AAA OP1   
20  O OP2   . C A 2 ? 1.1969 1.3954 1.0656 0.0077  -0.0252 -0.0757 2 C AAA OP2   
21  O "O5'" . C A 2 ? 1.0394 1.2777 0.9759 0.0115  -0.0311 -0.0617 2 C AAA "O5'" 
22  C "C5'" . C A 2 ? 0.9195 1.1675 0.8950 0.0142  -0.0506 -0.0543 2 C AAA "C5'" 
23  C "C4'" . C A 2 ? 0.9385 1.1944 0.9152 0.0224  -0.0336 -0.0527 2 C AAA "C4'" 
24  O "O4'" . C A 2 ? 0.9672 1.1959 0.8819 0.0197  -0.0264 -0.0483 2 C AAA "O4'" 
25  C "C3'" . C A 2 ? 0.9335 1.2148 0.9317 0.0295  -0.0024 -0.0580 2 C AAA "C3'" 
26  O "O3'" . C A 2 ? 1.0261 1.3349 1.0819 0.0372  0.0027  -0.0603 2 C AAA "O3'" 
27  C "C2'" . C A 2 ? 0.9938 1.2608 0.9704 0.0331  0.0008  -0.0537 2 C AAA "C2'" 
28  O "O2'" . C A 2 ? 0.9745 1.2406 0.9758 0.0405  -0.0166 -0.0509 2 C AAA "O2'" 
29  C "C1'" . C A 2 ? 0.9015 1.1435 0.8260 0.0252  -0.0051 -0.0466 2 C AAA "C1'" 
30  N N1    . C A 2 ? 0.8240 1.0636 0.7233 0.0226  0.0202  -0.0482 2 C AAA N1    
31  C C2    . C A 2 ? 0.9157 1.1594 0.8199 0.0238  0.0343  -0.0398 2 C AAA C2    
32  O O2    . C A 2 ? 0.8563 1.0990 0.7767 0.0256  0.0230  -0.0343 2 C AAA O2    
33  N N3    . C A 2 ? 0.8881 1.1345 0.7844 0.0227  0.0558  -0.0376 2 C AAA N3    
34  C C4    . C A 2 ? 0.9866 1.2275 0.8639 0.0239  0.0655  -0.0473 2 C AAA C4    
35  N N4    . C A 2 ? 0.9810 1.2252 0.8608 0.0262  0.0876  -0.0460 2 C AAA N4    
36  C C5    . C A 2 ? 0.9873 1.2180 0.8488 0.0224  0.0482  -0.0577 2 C AAA C5    
37  C C6    . C A 2 ? 0.8344 1.0661 0.7105 0.0206  0.0253  -0.0560 2 C AAA C6    
38  P P     . G A 3 ? 1.0014 1.3291 1.0664 0.0392  0.0337  -0.0659 3 G AAA P     
39  O OP1   . G A 3 ? 1.1569 1.5161 1.2850 0.0453  0.0409  -0.0633 3 G AAA OP1   
40  O OP2   . G A 3 ? 0.9347 1.2523 0.9680 0.0280  0.0380  -0.0665 3 G AAA OP2   
41  O "O5'" . G A 3 ? 0.9264 1.2385 0.9641 0.0490  0.0459  -0.0707 3 G AAA "O5'" 
42  C "C5'" . G A 3 ? 0.9192 1.2255 0.9722 0.0634  0.0415  -0.0738 3 G AAA "C5'" 
43  C "C4'" . G A 3 ? 0.8608 1.1384 0.8769 0.0681  0.0429  -0.0767 3 G AAA "C4'" 
44  O "O4'" . G A 3 ? 0.9202 1.1841 0.9137 0.0550  0.0280  -0.0666 3 G AAA "O4'" 
45  C "C3'" . G A 3 ? 0.9391 1.2075 0.9274 0.0658  0.0611  -0.0812 3 G AAA "C3'" 
46  O "O3'" . G A 3 ? 0.9224 1.1897 0.9119 0.0807  0.0812  -0.0909 3 G AAA "O3'" 
47  C "C2'" . G A 3 ? 0.8671 1.1044 0.8285 0.0600  0.0453  -0.0767 3 G AAA "C2'" 
48  O "O2'" . G A 3 ? 0.8337 1.0447 0.7876 0.0740  0.0324  -0.0812 3 G AAA "O2'" 
49  C "C1'" . G A 3 ? 0.8207 1.0677 0.7927 0.0504  0.0324  -0.0650 3 G AAA "C1'" 
50  N N9    . G A 3 ? 0.7020 0.9584 0.6656 0.0382  0.0416  -0.0590 3 G AAA N9    
51  C C8    . G A 3 ? 0.7519 1.0239 0.7182 0.0340  0.0470  -0.0613 3 G AAA C8    
52  N N7    . G A 3 ? 0.6711 0.9403 0.6247 0.0276  0.0552  -0.0586 3 G AAA N7    
53  C C5    . G A 3 ? 0.6927 0.9524 0.6499 0.0263  0.0557  -0.0513 3 G AAA C5    
54  C C6    . G A 3 ? 0.6671 0.9258 0.6310 0.0212  0.0639  -0.0436 3 G AAA C6    
55  O O6    . G A 3 ? 0.7249 0.9891 0.6870 0.0213  0.0764  -0.0457 3 G AAA O6    
56  N N1    . G A 3 ? 0.6978 0.9443 0.6779 0.0196  0.0537  -0.0332 3 G AAA N1    
57  C C2    . G A 3 ? 0.7592 0.9879 0.7339 0.0222  0.0360  -0.0339 3 G AAA C2    
58  N N2    . G A 3 ? 0.7290 0.9371 0.7158 0.0179  0.0187  -0.0223 3 G AAA N2    
59  N N3    . G A 3 ? 0.7388 0.9664 0.7008 0.0306  0.0329  -0.0443 3 G AAA N3    
60  C C4    . G A 3 ? 0.7431 0.9909 0.7021 0.0318  0.0441  -0.0518 3 G AAA C4    
61  P P     . U A 4 ? 1.0056 1.2730 0.9724 0.0757  0.1062  -0.0927 4 U AAA P     
62  O OP1   . U A 4 ? 1.1571 1.4149 1.1120 0.0971  0.1308  -0.1027 4 U AAA OP1   
63  O OP2   . U A 4 ? 0.9920 1.2933 0.9897 0.0603  0.1090  -0.0838 4 U AAA OP2   
64  O "O5'" . U A 4 ? 0.9460 1.1738 0.8642 0.0644  0.0928  -0.0912 4 U AAA "O5'" 
65  C "C5'" . U A 4 ? 0.9600 1.1380 0.8330 0.0749  0.0831  -0.0986 4 U AAA "C5'" 
66  C "C4'" . U A 4 ? 0.8734 1.0182 0.7214 0.0614  0.0595  -0.0911 4 U AAA "C4'" 
67  O "O4'" . U A 4 ? 0.8011 0.9691 0.6898 0.0493  0.0439  -0.0789 4 U AAA "O4'" 
68  C "C3'" . U A 4 ? 0.9165 1.0598 0.7497 0.0466  0.0662  -0.0870 4 U AAA "C3'" 
69  O "O3'" . U A 4 ? 0.9110 1.0096 0.6824 0.0514  0.0749  -0.0937 4 U AAA "O3'" 
70  C "C2'" . U A 4 ? 0.8737 1.0056 0.7237 0.0326  0.0393  -0.0749 4 U AAA "C2'" 
71  O "O2'" . U A 4 ? 0.9154 0.9883 0.7253 0.0328  0.0135  -0.0752 4 U AAA "O2'" 
72  C "C1'" . U A 4 ? 0.8270 0.9922 0.7198 0.0350  0.0373  -0.0697 4 U AAA "C1'" 
73  N N1    . U A 4 ? 0.7210 0.9278 0.6442 0.0280  0.0511  -0.0662 4 U AAA N1    
74  C C2    . U A 4 ? 0.7755 0.9846 0.7179 0.0186  0.0464  -0.0572 4 U AAA C2    
75  O O2    . U A 4 ? 0.8224 1.0100 0.7695 0.0138  0.0299  -0.0481 4 U AAA O2    
76  N N3    . U A 4 ? 0.7369 0.9727 0.6934 0.0162  0.0584  -0.0585 4 U AAA N3    
77  C C4    . U A 4 ? 0.7314 0.9872 0.6874 0.0184  0.0674  -0.0650 4 U AAA C4    
78  O O4    . U A 4 ? 0.6307 0.8957 0.5896 0.0162  0.0709  -0.0666 4 U AAA O4    
79  C C5    . U A 4 ? 0.7377 0.9961 0.6892 0.0252  0.0694  -0.0701 4 U AAA C5    
80  C C6    . U A 4 ? 0.7017 0.9380 0.6373 0.0319  0.0654  -0.0715 4 U AAA C6    
81  P P     . G A 5 ? 1.0976 1.2104 0.8601 0.0391  0.0969  -0.0879 5 G AAA P     
82  O OP1   . G A 5 ? 1.0788 1.1493 0.7709 0.0511  0.1173  -0.0953 5 G AAA OP1   
83  O OP2   . G A 5 ? 1.0425 1.2193 0.8662 0.0371  0.1160  -0.0836 5 G AAA OP2   
84  O "O5'" . G A 5 ? 0.8945 0.9914 0.6601 0.0189  0.0684  -0.0775 5 G AAA "O5'" 
85  C "C5'" . G A 5 ? 1.0862 1.1186 0.8052 0.0141  0.0375  -0.0756 5 G AAA "C5'" 
86  C "C4'" . G A 5 ? 1.0472 1.0761 0.8057 -0.0016 0.0056  -0.0625 5 G AAA "C4'" 
87  O "O4'" . G A 5 ? 0.9655 1.0416 0.7929 -0.0001 0.0056  -0.0583 5 G AAA "O4'" 
88  C "C3'" . G A 5 ? 1.0801 1.1215 0.8514 -0.0165 0.0071  -0.0555 5 G AAA "C3'" 
89  O "O3'" . G A 5 ? 1.1763 1.1594 0.8793 -0.0257 -0.0041 -0.0527 5 G AAA "O3'" 
90  C "C2'" . G A 5 ? 1.0355 1.0875 0.8710 -0.0232 -0.0173 -0.0459 5 G AAA "C2'" 
91  O "O2'" . G A 5 ? 1.1169 1.1158 0.9424 -0.0296 -0.0570 -0.0367 5 G AAA "O2'" 
92  C "C1'" . G A 5 ? 0.9643 1.0540 0.8377 -0.0111 -0.0046 -0.0482 5 G AAA "C1'" 
93  N N9    . G A 5 ? 0.8998 1.0456 0.8136 -0.0077 0.0208  -0.0513 5 G AAA N9    
94  C C8    . G A 5 ? 0.8952 1.0707 0.8040 -0.0006 0.0439  -0.0597 5 G AAA C8    
95  N N7    . G A 5 ? 0.8735 1.0812 0.8114 -0.0017 0.0530  -0.0612 5 G AAA N7    
96  C C5    . G A 5 ? 0.7784 0.9806 0.7429 -0.0055 0.0432  -0.0548 5 G AAA C5    
97  C C6    . G A 5 ? 0.7947 1.0148 0.7895 -0.0020 0.0507  -0.0555 5 G AAA C6    
98  O O6    . G A 5 ? 0.8592 1.0950 0.8488 0.0020  0.0621  -0.0636 5 G AAA O6    
99  N N1    . G A 5 ? 0.6719 0.8834 0.7017 -0.0040 0.0405  -0.0472 5 G AAA N1    
100 C C2    . G A 5 ? 0.6797 0.8646 0.7168 -0.0114 0.0166  -0.0367 5 G AAA C2    
101 N N2    . G A 5 ? 0.8198 1.0014 0.9098 -0.0127 0.0049  -0.0257 5 G AAA N2    
102 N N3    . G A 5 ? 0.7512 0.9069 0.7469 -0.0149 0.0031  -0.0358 5 G AAA N3    
103 C C4    . G A 5 ? 0.7683 0.9373 0.7274 -0.0102 0.0215  -0.0468 5 G AAA C4    
104 P P     . C A 6 ? 1.1479 1.1395 0.8417 -0.0399 0.0086  -0.0458 6 C AAA P     
105 O OP1   . C A 6 ? 1.0815 0.9952 0.6863 -0.0490 -0.0090 -0.0405 6 C AAA OP1   
106 O OP2   . C A 6 ? 1.0346 1.0891 0.7603 -0.0344 0.0489  -0.0490 6 C AAA OP2   
107 O "O5'" . C A 6 ? 1.0049 1.0193 0.7739 -0.0500 -0.0159 -0.0384 6 C AAA "O5'" 
108 C "C5'" . C A 6 ? 1.0392 1.0018 0.8030 -0.0613 -0.0591 -0.0291 6 C AAA "C5'" 
109 C "C4'" . C A 6 ? 0.9447 0.9385 0.7958 -0.0631 -0.0726 -0.0229 6 C AAA "C4'" 
110 O "O4'" . C A 6 ? 0.8607 0.9080 0.7694 -0.0490 -0.0529 -0.0285 6 C AAA "O4'" 
111 C "C3'" . C A 6 ? 0.9079 0.9273 0.7788 -0.0694 -0.0607 -0.0241 6 C AAA "C3'" 
112 O "O3'" . C A 6 ? 1.0760 1.0441 0.9039 -0.0875 -0.0869 -0.0141 6 C AAA "O3'" 
113 C "C2'" . C A 6 ? 0.8344 0.8912 0.7904 -0.0597 -0.0621 -0.0259 6 C AAA "C2'" 
114 O "O2'" . C A 6 ? 0.8733 0.8968 0.8629 -0.0671 -0.0995 -0.0146 6 C AAA "O2'" 
115 C "C1'" . C A 6 ? 0.8141 0.8999 0.7800 -0.0459 -0.0414 -0.0308 6 C AAA "C1'" 
116 N N1    . C A 6 ? 0.7581 0.8856 0.7163 -0.0367 -0.0077 -0.0424 6 C AAA N1    
117 C C2    . C A 6 ? 0.7348 0.8913 0.7319 -0.0298 0.0038  -0.0483 6 C AAA C2    
118 O O2    . C A 6 ? 0.9035 1.0568 0.9447 -0.0276 -0.0072 -0.0455 6 C AAA O2    
119 N N3    . C A 6 ? 0.7100 0.8934 0.6986 -0.0242 0.0246  -0.0574 6 C AAA N3    
120 C C4    . C A 6 ? 0.7552 0.9456 0.7123 -0.0252 0.0357  -0.0585 6 C AAA C4    
121 N N4    . C A 6 ? 0.7941 1.0111 0.7557 -0.0212 0.0485  -0.0645 6 C AAA N4    
122 C C5    . C A 6 ? 0.7127 0.8791 0.6342 -0.0294 0.0323  -0.0535 6 C AAA C5    
123 C C6    . C A 6 ? 0.8038 0.9342 0.7180 -0.0352 0.0097  -0.0466 6 C AAA C6    
124 P P     . G A 7 ? 1.0040 0.9816 0.8164 -0.0995 -0.0730 -0.0100 7 G AAA P     
125 O OP1   . G A 7 ? 1.0035 0.9142 0.7553 -0.1191 -0.1041 0.0042  7 G AAA OP1   
126 O OP2   . G A 7 ? 0.9650 0.9858 0.7612 -0.0915 -0.0299 -0.0163 7 G AAA OP2   
127 O "O5'" . G A 7 ? 0.8451 0.8615 0.7413 -0.0925 -0.0781 -0.0162 7 G AAA "O5'" 
128 C "C5'" . G A 7 ? 0.8764 0.8708 0.8218 -0.0949 -0.1133 -0.0114 7 G AAA "C5'" 
129 C "C4'" . G A 7 ? 0.9116 0.9455 0.9239 -0.0794 -0.1022 -0.0235 7 G AAA "C4'" 
130 O "O4'" . G A 7 ? 0.9073 0.9861 0.9346 -0.0605 -0.0678 -0.0346 7 G AAA "O4'" 
131 C "C3'" . G A 7 ? 0.9557 0.9978 0.9606 -0.0853 -0.0976 -0.0279 7 G AAA "C3'" 
132 O "O3'" . G A 7 ? 1.0620 1.0652 1.0708 -0.1005 -0.1328 -0.0178 7 G AAA "O3'" 
133 C "C2'" . G A 7 ? 0.9480 1.0269 0.9981 -0.0622 -0.0772 -0.0453 7 G AAA "C2'" 
134 O "O2'" . G A 7 ? 1.0319 1.1029 1.1392 -0.0481 -0.0900 -0.0499 7 G AAA "O2'" 
135 C "C1'" . G A 7 ? 0.8662 0.9707 0.9101 -0.0503 -0.0514 -0.0475 7 G AAA "C1'" 
136 N N9    . G A 7 ? 0.7653 0.8955 0.7743 -0.0505 -0.0264 -0.0522 7 G AAA N9    
137 C C8    . G A 7 ? 0.7984 0.9296 0.7650 -0.0576 -0.0145 -0.0459 7 G AAA C8    
138 N N7    . G A 7 ? 0.7852 0.9464 0.7474 -0.0540 0.0057  -0.0514 7 G AAA N7    
139 C C5    . G A 7 ? 0.7709 0.9411 0.7590 -0.0440 0.0033  -0.0618 7 G AAA C5    
140 C C6    . G A 7 ? 0.8102 0.9991 0.7997 -0.0380 0.0119  -0.0706 7 G AAA C6    
141 O O6    . G A 7 ? 0.8976 1.1063 0.8802 -0.0400 0.0216  -0.0684 7 G AAA O6    
142 N N1    . G A 7 ? 0.7674 0.9414 0.7652 -0.0277 0.0022  -0.0830 7 G AAA N1    
143 C C2    . G A 7 ? 0.8263 0.9798 0.8450 -0.0219 -0.0071 -0.0865 7 G AAA C2    
144 N N2    . G A 7 ? 0.8454 0.9833 0.8663 -0.0061 -0.0093 -0.1026 7 G AAA N2    
145 N N3    . G A 7 ? 0.7686 0.9126 0.8038 -0.0285 -0.0168 -0.0757 7 G AAA N3    
146 C C4    . G A 7 ? 0.7322 0.8838 0.7460 -0.0408 -0.0125 -0.0639 7 G AAA C4    
147 P P     . A A 8 ? 1.0425 1.0360 1.0174 -0.1215 -0.1374 -0.0078 8 A AAA P     
148 O OP1   . A A 8 ? 0.9987 0.9396 0.9636 -0.1424 -0.1801 0.0080  8 A AAA OP1   
149 O OP2   . A A 8 ? 1.0429 1.0594 0.9697 -0.1291 -0.1043 -0.0023 8 A AAA OP2   
150 O "O5'" . A A 8 ? 1.0404 1.0605 1.0560 -0.1075 -0.1313 -0.0253 8 A AAA "O5'" 
151 C "C5'" . A A 8 ? 1.0620 1.0690 1.1300 -0.0903 -0.1506 -0.0391 8 A AAA "C5'" 
152 C "C4'" . A A 8 ? 0.9865 1.0091 1.0685 -0.0696 -0.1365 -0.0608 8 A AAA "C4'" 
153 O "O4'" . A A 8 ? 0.9630 1.0236 1.0275 -0.0566 -0.0997 -0.0692 8 A AAA "O4'" 
154 C "C3'" . A A 8 ? 0.9423 0.9512 1.0086 -0.0840 -0.1549 -0.0582 8 A AAA "C3'" 
155 O "O3'" . A A 8 ? 1.0097 0.9832 1.1031 -0.0740 -0.1854 -0.0705 8 A AAA "O3'" 
156 C "C2'" . A A 8 ? 0.9973 1.0315 1.0472 -0.0703 -0.1306 -0.0733 8 A AAA "C2'" 
157 O "O2'" . A A 8 ? 1.0582 1.0712 1.1136 -0.0460 -0.1370 -0.0974 8 A AAA "O2'" 
158 C "C1'" . A A 8 ? 0.9672 1.0363 1.0135 -0.0548 -0.0936 -0.0778 8 A AAA "C1'" 
159 N N9    . A A 8 ? 0.9337 1.0314 0.9550 -0.0677 -0.0741 -0.0655 8 A AAA N9    
160 C C8    . A A 8 ? 0.9253 1.0315 0.9291 -0.0826 -0.0651 -0.0482 8 A AAA C8    
161 N N7    . A A 8 ? 0.8899 1.0254 0.8807 -0.0859 -0.0422 -0.0433 8 A AAA N7    
162 C C5    . A A 8 ? 0.8111 0.9574 0.8134 -0.0755 -0.0435 -0.0555 8 A AAA C5    
163 C C6    . A A 8 ? 0.8815 1.0550 0.8856 -0.0733 -0.0316 -0.0558 8 A AAA C6    
164 N N6    . A A 8 ? 0.8731 1.0750 0.8769 -0.0795 -0.0100 -0.0432 8 A AAA N6    
165 N N1    . A A 8 ? 0.8772 1.0398 0.8820 -0.0648 -0.0455 -0.0692 8 A AAA N1    
166 C C2    . A A 8 ? 0.8519 0.9785 0.8505 -0.0544 -0.0634 -0.0848 8 A AAA C2    
167 N N3    . A A 8 ? 0.9171 1.0234 0.9245 -0.0516 -0.0708 -0.0865 8 A AAA N3    
168 C C4    . A A 8 ? 0.8460 0.9658 0.8582 -0.0646 -0.0625 -0.0697 8 A AAA C4    
169 O "O5'" . U B 1 ? 0.8860 1.2563 1.1847 -0.0604 -0.0377 -0.0883 1 U BBB "O5'" 
170 C "C5'" . U B 1 ? 0.8030 1.1627 1.1192 -0.0667 -0.0763 -0.0984 1 U BBB "C5'" 
171 C "C4'" . U B 1 ? 0.8146 1.1488 1.1106 -0.0789 -0.0756 -0.1022 1 U BBB "C4'" 
172 O "O4'" . U B 1 ? 0.7391 1.0894 1.0725 -0.0934 -0.0503 -0.0840 1 U BBB "O4'" 
173 C "C3'" . U B 1 ? 0.8006 1.1033 1.0240 -0.0710 -0.0623 -0.1107 1 U BBB "C3'" 
174 O "O3'" . U B 1 ? 1.0243 1.2963 1.1983 -0.0670 -0.0829 -0.1318 1 U BBB "O3'" 
175 C "C2'" . U B 1 ? 0.7717 1.0621 1.0152 -0.0845 -0.0571 -0.1061 1 U BBB "C2'" 
176 O "O2'" . U B 1 ? 0.7743 1.0472 1.0366 -0.0922 -0.0837 -0.1223 1 U BBB "O2'" 
177 C "C1'" . U B 1 ? 0.6806 0.9993 0.9741 -0.0973 -0.0430 -0.0828 1 U BBB "C1'" 
178 N N1    . U B 1 ? 0.6083 0.9270 0.8707 -0.0958 -0.0108 -0.0670 1 U BBB N1    
179 C C2    . U B 1 ? 0.6887 0.9759 0.9254 -0.1050 -0.0086 -0.0574 1 U BBB C2    
180 O O2    . U B 1 ? 0.7342 0.9989 0.9809 -0.1099 -0.0293 -0.0639 1 U BBB O2    
181 N N3    . U B 1 ? 0.7169 0.9942 0.9129 -0.1059 0.0153  -0.0415 1 U BBB N3    
182 C C4    . U B 1 ? 0.6830 0.9826 0.8675 -0.0984 0.0427  -0.0387 1 U BBB C4    
183 O O4    . U B 1 ? 0.6828 0.9603 0.8199 -0.1023 0.0620  -0.0271 1 U BBB O4    
184 C C5    . U B 1 ? 0.6100 0.9495 0.8405 -0.0869 0.0401  -0.0514 1 U BBB C5    
185 C C6    . U B 1 ? 0.6189 0.9629 0.8822 -0.0867 0.0101  -0.0627 1 U BBB C6    
186 P P     . C B 2 ? 0.9737 1.2246 1.0747 -0.0560 -0.0630 -0.1383 2 C BBB P     
187 O OP1   . C B 2 ? 1.2644 1.4787 1.3059 -0.0588 -0.0841 -0.1582 2 C BBB OP1   
188 O OP2   . C B 2 ? 0.9863 1.2574 1.0893 -0.0462 -0.0472 -0.1211 2 C BBB OP2   
189 O "O5'" . C B 2 ? 0.8554 1.0938 0.9618 -0.0582 -0.0406 -0.1442 2 C BBB "O5'" 
190 C "C5'" . C B 2 ? 0.8398 1.0582 0.9600 -0.0644 -0.0491 -0.1645 2 C BBB "C5'" 
191 C "C4'" . C B 2 ? 0.9020 1.1164 1.0576 -0.0653 -0.0359 -0.1628 2 C BBB "C4'" 
192 O "O4'" . C B 2 ? 0.8876 1.1191 1.0813 -0.0737 -0.0417 -0.1344 2 C BBB "O4'" 
193 C "C3'" . C B 2 ? 0.9298 1.1406 1.0665 -0.0560 -0.0119 -0.1622 2 C BBB "C3'" 
194 O "O3'" . C B 2 ? 1.0806 1.2726 1.1969 -0.0523 0.0073  -0.1910 2 C BBB "O3'" 
195 C "C2'" . C B 2 ? 0.8748 1.0804 1.0598 -0.0605 -0.0186 -0.1466 2 C BBB "C2'" 
196 O "O2'" . C B 2 ? 0.8955 1.0845 1.1250 -0.0634 -0.0280 -0.1676 2 C BBB "O2'" 
197 C "C1'" . C B 2 ? 0.8365 1.0572 1.0313 -0.0719 -0.0316 -0.1231 2 C BBB "C1'" 
198 N N1    . C B 2 ? 0.7268 0.9624 0.8948 -0.0692 -0.0178 -0.0999 2 C BBB N1    
199 C C2    . C B 2 ? 0.7379 0.9547 0.8964 -0.0724 -0.0166 -0.0827 2 C BBB C2    
200 O O2    . C B 2 ? 0.7007 0.8911 0.8851 -0.0768 -0.0317 -0.0854 2 C BBB O2    
201 N N3    . C B 2 ? 0.6376 0.8589 0.7636 -0.0707 -0.0027 -0.0665 2 C BBB N3    
202 C C4    . C B 2 ? 0.7091 0.9590 0.8259 -0.0626 0.0108  -0.0680 2 C BBB C4    
203 N N4    . C B 2 ? 0.7801 1.0328 0.8701 -0.0599 0.0274  -0.0572 2 C BBB N4    
204 C C5    . C B 2 ? 0.7239 0.9935 0.8586 -0.0589 0.0026  -0.0833 2 C BBB C5    
205 C C6    . C B 2 ? 0.7557 1.0147 0.9076 -0.0636 -0.0122 -0.0982 2 C BBB C6    
206 P P     . G B 3 ? 1.0158 1.2045 1.0917 -0.0463 0.0358  -0.1914 3 G BBB P     
207 O OP1   . G B 3 ? 1.2519 1.4175 1.3017 -0.0489 0.0612  -0.2260 3 G BBB OP1   
208 O OP2   . G B 3 ? 0.9908 1.1897 1.0215 -0.0436 0.0294  -0.1688 3 G BBB OP2   
209 O "O5'" . G B 3 ? 0.9034 1.0980 1.0375 -0.0420 0.0394  -0.1782 3 G BBB "O5'" 
210 C "C5'" . G B 3 ? 0.8789 1.0646 1.0815 -0.0425 0.0398  -0.1979 3 G BBB "C5'" 
211 C "C4'" . G B 3 ? 0.7988 0.9806 1.0506 -0.0401 0.0257  -0.1780 3 G BBB "C4'" 
212 O "O4'" . G B 3 ? 0.8297 1.0101 1.0652 -0.0465 -0.0015 -0.1476 3 G BBB "O4'" 
213 C "C3'" . G B 3 ? 0.7790 0.9649 1.0141 -0.0354 0.0404  -0.1659 3 G BBB "C3'" 
214 O "O3'" . G B 3 ? 0.8975 1.0839 1.1706 -0.0327 0.0715  -0.1904 3 G BBB "O3'" 
215 C "C2'" . G B 3 ? 0.7809 0.9503 1.0388 -0.0377 0.0068  -0.1387 3 G BBB "C2'" 
216 O "O2'" . G B 3 ? 0.6609 0.8116 1.0015 -0.0378 -0.0140 -0.1453 3 G BBB "O2'" 
217 C "C1'" . G B 3 ? 0.7569 0.9271 0.9860 -0.0462 -0.0108 -0.1248 3 G BBB "C1'" 
218 N N9    . G B 3 ? 0.7670 0.9505 0.9315 -0.0451 -0.0036 -0.1053 3 G BBB N9    
219 C C8    . G B 3 ? 0.8580 1.0629 0.9852 -0.0431 0.0081  -0.1082 3 G BBB C8    
220 N N7    . G B 3 ? 0.8947 1.1065 0.9888 -0.0407 0.0115  -0.0917 3 G BBB N7    
221 C C5    . G B 3 ? 0.8171 1.0058 0.9071 -0.0430 0.0027  -0.0766 3 G BBB C5    
222 C C6    . G B 3 ? 0.7910 0.9667 0.8393 -0.0424 0.0037  -0.0586 3 G BBB C6    
223 O O6    . G B 3 ? 0.7528 0.9442 0.7739 -0.0373 0.0184  -0.0556 3 G BBB O6    
224 N N1    . G B 3 ? 0.7087 0.8430 0.7513 -0.0482 -0.0166 -0.0470 3 G BBB N1    
225 C C2    . G B 3 ? 0.7477 0.8625 0.8398 -0.0518 -0.0386 -0.0516 3 G BBB C2    
226 N N2    . G B 3 ? 0.7548 0.8232 0.8410 -0.0575 -0.0687 -0.0366 3 G BBB N2    
227 N N3    . G B 3 ? 0.7139 0.8483 0.8629 -0.0501 -0.0346 -0.0705 3 G BBB N3    
228 C C4    . G B 3 ? 0.7740 0.9416 0.9074 -0.0458 -0.0116 -0.0822 3 G BBB C4    
229 P P     . U B 4 ? 0.8977 1.0885 1.1308 -0.0320 0.1012  -0.1858 4 U BBB P     
230 O OP1   . U B 4 ? 0.9774 1.1700 1.2676 -0.0344 0.1411  -0.2178 4 U BBB OP1   
231 O OP2   . U B 4 ? 0.8109 1.0030 0.9471 -0.0346 0.1035  -0.1741 4 U BBB OP2   
232 O "O5'" . U B 4 ? 0.8214 1.0079 1.0777 -0.0285 0.0746  -0.1570 4 U BBB "O5'" 
233 C "C5'" . U B 4 ? 0.7918 0.9675 1.1416 -0.0275 0.0536  -0.1577 4 U BBB "C5'" 
234 C "C4'" . U B 4 ? 0.8187 0.9752 1.1472 -0.0268 0.0160  -0.1265 4 U BBB "C4'" 
235 O "O4'" . U B 4 ? 0.8031 0.9509 1.0651 -0.0297 -0.0046 -0.1083 4 U BBB "O4'" 
236 C "C3'" . U B 4 ? 0.8050 0.9634 1.0857 -0.0236 0.0276  -0.1131 4 U BBB "C3'" 
237 O "O3'" . U B 4 ? 0.8002 0.9597 1.1501 -0.0241 0.0383  -0.1187 4 U BBB "O3'" 
238 C "C2'" . U B 4 ? 0.8760 1.0069 1.1061 -0.0238 -0.0113 -0.0867 4 U BBB "C2'" 
239 O "O2'" . U B 4 ? 0.8096 0.9091 1.0963 -0.0255 -0.0490 -0.0782 4 U BBB "O2'" 
240 C "C1'" . U B 4 ? 0.8233 0.9593 1.0234 -0.0278 -0.0148 -0.0869 4 U BBB "C1'" 
241 N N1    . U B 4 ? 0.7514 0.9091 0.8835 -0.0251 0.0065  -0.0850 4 U BBB N1    
242 C C2    . U B 4 ? 0.8121 0.9594 0.8875 -0.0238 -0.0021 -0.0678 4 U BBB C2    
243 O O2    . U B 4 ? 0.7588 0.8737 0.8215 -0.0243 -0.0229 -0.0547 4 U BBB O2    
244 N N3    . U B 4 ? 0.7780 0.9494 0.8166 -0.0191 0.0141  -0.0692 4 U BBB N3    
245 C C4    . U B 4 ? 0.8249 1.0201 0.8640 -0.0188 0.0272  -0.0820 4 U BBB C4    
246 O O4    . U B 4 ? 0.9222 1.1329 0.9349 -0.0150 0.0306  -0.0807 4 U BBB O4    
247 C C5    . U B 4 ? 0.7868 0.9826 0.8626 -0.0236 0.0349  -0.0988 4 U BBB C5    
248 C C6    . U B 4 ? 0.7717 0.9523 0.8980 -0.0256 0.0280  -0.1016 4 U BBB C6    
249 P P     . G B 5 ? 0.8847 1.0494 1.2019 -0.0261 0.0633  -0.1107 5 G BBB P     
250 O OP1   . G B 5 ? 0.8722 1.0486 1.2852 -0.0315 0.0935  -0.1282 5 G BBB OP1   
251 O OP2   . G B 5 ? 0.7820 0.9549 0.9991 -0.0263 0.0841  -0.1087 5 G BBB OP2   
252 O "O5'" . G B 5 ? 0.7277 0.8645 1.0168 -0.0216 0.0203  -0.0843 5 G BBB "O5'" 
253 C "C5'" . G B 5 ? 0.7747 0.8839 1.1304 -0.0211 -0.0231 -0.0766 5 G BBB "C5'" 
254 C "C4'" . G B 5 ? 0.7562 0.8276 1.0442 -0.0184 -0.0600 -0.0549 5 G BBB "C4'" 
255 O "O4'" . G B 5 ? 0.7797 0.8370 0.9782 -0.0166 -0.0707 -0.0471 5 G BBB "O4'" 
256 C "C3'" . G B 5 ? 0.7543 0.8333 0.9924 -0.0158 -0.0404 -0.0484 5 G BBB "C3'" 
257 O "O3'" . G B 5 ? 0.8527 0.9328 1.1635 -0.0202 -0.0355 -0.0474 5 G BBB "O3'" 
258 C "C2'" . G B 5 ? 0.8360 0.8768 0.9892 -0.0094 -0.0739 -0.0343 5 G BBB "C2'" 
259 O "O2'" . G B 5 ? 0.9136 0.9057 1.0837 -0.0100 -0.1216 -0.0242 5 G BBB "O2'" 
260 C "C1'" . G B 5 ? 0.7842 0.8241 0.9047 -0.0111 -0.0765 -0.0370 5 G BBB "C1'" 
261 N N9    . G B 5 ? 0.7099 0.7804 0.7688 -0.0070 -0.0437 -0.0419 5 G BBB N9    
262 C C8    . G B 5 ? 0.7281 0.8370 0.7998 -0.0086 -0.0146 -0.0533 5 G BBB C8    
263 N N7    . G B 5 ? 0.7908 0.9161 0.8101 -0.0043 -0.0007 -0.0540 5 G BBB N7    
264 C C5    . G B 5 ? 0.7476 0.8477 0.7227 0.0028  -0.0153 -0.0448 5 G BBB C5    
265 C C6    . G B 5 ? 0.7988 0.9050 0.7262 0.0113  -0.0070 -0.0454 5 G BBB C6    
266 O O6    . G B 5 ? 0.9059 1.0432 0.8309 0.0149  0.0087  -0.0512 5 G BBB O6    
267 N N1    . G B 5 ? 0.8284 0.8962 0.7174 0.0176  -0.0217 -0.0414 5 G BBB N1    
268 C C2    . G B 5 ? 0.8815 0.9061 0.7694 0.0133  -0.0496 -0.0343 5 G BBB C2    
269 N N2    . G B 5 ? 0.9588 0.9394 0.7918 0.0178  -0.0639 -0.0338 5 G BBB N2    
270 N N3    . G B 5 ? 0.7999 0.8192 0.7428 0.0039  -0.0654 -0.0308 5 G BBB N3    
271 C C4    . G B 5 ? 0.7662 0.8295 0.7552 0.0005  -0.0422 -0.0372 5 G BBB C4    
272 P P     . C B 6 ? 0.8114 0.9095 1.0960 -0.0244 0.0027  -0.0441 6 C BBB P     
273 O OP1   . C B 6 ? 0.9814 1.0757 1.3688 -0.0329 0.0009  -0.0415 6 C BBB OP1   
274 O OP2   . C B 6 ? 0.8505 0.9772 1.0903 -0.0289 0.0494  -0.0556 6 C BBB OP2   
275 O "O5'" . C B 6 ? 0.8896 0.9606 1.0788 -0.0153 -0.0226 -0.0292 6 C BBB "O5'" 
276 C "C5'" . C B 6 ? 0.9008 0.9311 1.0921 -0.0108 -0.0670 -0.0177 6 C BBB "C5'" 
277 C "C4'" . C B 6 ? 0.9055 0.9155 0.9980 0.0010  -0.0791 -0.0137 6 C BBB "C4'" 
278 O "O4'" . C B 6 ? 0.8146 0.8334 0.8570 0.0066  -0.0734 -0.0214 6 C BBB "O4'" 
279 C "C3'" . C B 6 ? 0.8948 0.9233 0.9489 0.0025  -0.0535 -0.0112 6 C BBB "C3'" 
280 O "O3'" . C B 6 ? 0.8761 0.8892 0.9498 -0.0029 -0.0605 0.0009  6 C BBB "O3'" 
281 C "C2'" . C B 6 ? 0.8424 0.8601 0.8226 0.0188  -0.0653 -0.0152 6 C BBB "C2'" 
282 O "O2'" . C B 6 ? 0.8570 0.8299 0.8201 0.0261  -0.0990 -0.0116 6 C BBB "O2'" 
283 C "C1'" . C B 6 ? 0.8204 0.8454 0.7981 0.0170  -0.0622 -0.0237 6 C BBB "C1'" 
284 N N1    . C B 6 ? 0.7320 0.7974 0.7007 0.0153  -0.0320 -0.0308 6 C BBB N1    
285 C C2    . C B 6 ? 0.7767 0.8530 0.7013 0.0264  -0.0254 -0.0347 6 C BBB C2    
286 O O2    . C B 6 ? 0.8729 0.9272 0.7669 0.0375  -0.0384 -0.0360 6 C BBB O2    
287 N N3    . C B 6 ? 0.7794 0.8880 0.7026 0.0241  -0.0070 -0.0411 6 C BBB N3    
288 C C4    . C B 6 ? 0.7618 0.8877 0.7105 0.0122  0.0080  -0.0444 6 C BBB C4    
289 N N4    . C B 6 ? 0.6953 0.8445 0.6341 0.0108  0.0196  -0.0508 6 C BBB N4    
290 C C5    . C B 6 ? 0.6540 0.7725 0.6496 0.0034  0.0100  -0.0435 6 C BBB C5    
291 C C6    . C B 6 ? 0.7136 0.8032 0.7242 0.0054  -0.0115 -0.0357 6 C BBB C6    
292 P P     . G B 7 ? 0.9755 1.0044 1.0351 -0.0151 -0.0276 0.0088  7 G BBB P     
293 O OP1   . G B 7 ? 0.9283 0.9343 1.0234 -0.0242 -0.0408 0.0241  7 G BBB OP1   
294 O OP2   . G B 7 ? 0.7298 0.7915 0.8037 -0.0287 0.0165  -0.0011 7 G BBB OP2   
295 O "O5'" . G B 7 ? 0.8708 0.8944 0.8499 -0.0001 -0.0384 0.0082  7 G BBB "O5'" 
296 C "C5'" . G B 7 ? 0.9156 0.9061 0.8763 0.0134  -0.0733 0.0130  7 G BBB "C5'" 
297 C "C4'" . G B 7 ? 0.9511 0.9438 0.8621 0.0298  -0.0801 0.0053  7 G BBB "C4'" 
298 O "O4'" . G B 7 ? 0.9224 0.9402 0.8234 0.0386  -0.0660 -0.0102 7 G BBB "O4'" 
299 C "C3'" . G B 7 ? 0.9764 0.9774 0.8612 0.0217  -0.0707 0.0141  7 G BBB "C3'" 
300 O "O3'" . G B 7 ? 1.0514 1.0182 0.9274 0.0161  -0.0905 0.0324  7 G BBB "O3'" 
301 C "C2'" . G B 7 ? 0.9383 0.9547 0.8051 0.0423  -0.0775 -0.0005 7 G BBB "C2'" 
302 O "O2'" . G B 7 ? 1.0077 1.0020 0.8723 0.0625  -0.1036 -0.0056 7 G BBB "O2'" 
303 C "C1'" . G B 7 ? 0.8884 0.9260 0.7686 0.0450  -0.0602 -0.0145 7 G BBB "C1'" 
304 N N9    . G B 7 ? 0.8897 0.9585 0.7738 0.0326  -0.0356 -0.0178 7 G BBB N9    
305 C C8    . G B 7 ? 0.8649 0.9429 0.7702 0.0166  -0.0155 -0.0176 7 G BBB C8    
306 N N7    . G B 7 ? 0.8623 0.9634 0.7603 0.0105  0.0015  -0.0250 7 G BBB N7    
307 C C5    . G B 7 ? 0.8082 0.9150 0.6829 0.0221  -0.0120 -0.0274 7 G BBB C5    
308 C C6    . G B 7 ? 0.7381 0.8646 0.6033 0.0215  -0.0102 -0.0346 7 G BBB C6    
309 O O6    . G B 7 ? 0.8829 1.0202 0.7448 0.0107  0.0042  -0.0418 7 G BBB O6    
310 N N1    . G B 7 ? 0.8451 0.9740 0.7119 0.0364  -0.0310 -0.0358 7 G BBB N1    
311 C C2    . G B 7 ? 0.9765 1.0902 0.8493 0.0521  -0.0477 -0.0343 7 G BBB C2    
312 N N2    . G B 7 ? 1.0339 1.1549 0.9273 0.0662  -0.0659 -0.0398 7 G BBB N2    
313 N N3    . G B 7 ? 0.8586 0.9485 0.7270 0.0520  -0.0501 -0.0282 7 G BBB N3    
314 C C4    . G B 7 ? 0.8861 0.9740 0.7559 0.0362  -0.0332 -0.0241 7 G BBB C4    
315 P P     . A B 8 ? 1.0839 1.0366 0.9195 -0.0051 -0.0853 0.0519  8 A BBB P     
316 O OP1   . A B 8 ? 1.0841 0.9952 0.9187 -0.0084 -0.1159 0.0701  8 A BBB OP1   
317 O OP2   . A B 8 ? 1.0508 1.0204 0.8808 -0.0306 -0.0420 0.0521  8 A BBB OP2   
318 O "O5'" . A B 8 ? 1.0032 0.9654 0.8084 0.0102  -0.1008 0.0421  8 A BBB "O5'" 
319 C "C5'" . A B 8 ? 1.1058 1.0504 0.9199 0.0328  -0.1408 0.0392  8 A BBB "C5'" 
320 C "C4'" . A B 8 ? 1.1453 1.1056 0.9561 0.0450  -0.1536 0.0284  8 A BBB "C4'" 
321 O "O4'" . A B 8 ? 1.1165 1.1211 0.9405 0.0485  -0.1222 0.0110  8 A BBB "O4'" 
322 C "C3'" . A B 8 ? 1.2230 1.1567 0.9853 0.0256  -0.1721 0.0478  8 A BBB "C3'" 
323 O "O3'" . A B 8 ? 1.4004 1.2923 1.1603 0.0323  -0.2214 0.0605  8 A BBB "O3'" 
324 C "C2'" . A B 8 ? 1.2706 1.2381 1.0383 0.0309  -0.1660 0.0313  8 A BBB "C2'" 
325 O "O2'" . A B 8 ? 1.2510 1.2202 1.0589 0.0535  -0.2052 0.0231  8 A BBB "O2'" 
326 C "C1'" . A B 8 ? 1.1524 1.1670 0.9596 0.0413  -0.1266 0.0102  8 A BBB "C1'" 
327 N N9    . A B 8 ? 1.1190 1.1483 0.9027 0.0202  -0.0908 0.0088  8 A BBB N9    
328 C C8    . A B 8 ? 1.0701 1.1006 0.8533 0.0062  -0.0588 0.0112  8 A BBB C8    
329 N N7    . A B 8 ? 1.0330 1.0804 0.8076 -0.0074 -0.0300 0.0027  8 A BBB N7    
330 C C5    . A B 8 ? 1.0233 1.0748 0.7789 -0.0030 -0.0473 -0.0030 8 A BBB C5    
331 C C6    . A B 8 ? 1.0238 1.0865 0.7607 -0.0128 -0.0364 -0.0136 8 A BBB C6    
332 N N6    . A B 8 ? 1.1420 1.2129 0.8741 -0.0263 0.0004  -0.0239 8 A BBB N6    
333 N N1    . A B 8 ? 0.9853 1.0476 0.7171 -0.0056 -0.0684 -0.0158 8 A BBB N1    
334 C C2    . A B 8 ? 0.9935 1.0507 0.7508 0.0106  -0.1044 -0.0102 8 A BBB C2    
335 N N3    . A B 8 ? 0.9854 1.0330 0.7606 0.0223  -0.1145 -0.0029 8 A BBB N3    
336 C C4    . A B 8 ? 1.0730 1.1173 0.8417 0.0139  -0.0851 0.0017  8 A BBB C4    
# 
